data_6KGR
#
_entry.id   6KGR
#
_cell.length_a   185.268
_cell.length_b   185.268
_cell.length_c   109.327
_cell.angle_alpha   90.000
_cell.angle_beta   90.000
_cell.angle_gamma   120.000
#
_symmetry.space_group_name_H-M   'P 61 2 2'
#
loop_
_entity.id
_entity.type
_entity.pdbx_description
1 polymer 'Lysine-specific histone demethylase 1A'
2 non-polymer (4S)-2-METHYL-2,4-PENTANEDIOL
3 non-polymer 3-[4-[5-fluoranyl-2-(trifluoromethyl)phenyl]phenyl]propanal
4 non-polymer 'FLAVIN-ADENINE DINUCLEOTIDE'
5 water water
#
_entity_poly.entity_id   1
_entity_poly.type   'polypeptide(L)'
_entity_poly.pdbx_seq_one_letter_code
;GPLGSHMSGVEGAAFQSRLPHDRMTSQEAACFPDIISGPQQTQKVFLFIRNRTLQLWLDNPKIQLTFEATLQQLEAPYNS
DTVLVHRVHSYLERHGLINFGIYKRIKPLPTKKTGKVIIIGSGVSGLAAARQLQSFGMDVTLLEARDRVGGRVATFRKGN
YVADLGAMVVTGLGGNPMAVVSKQVNMELAKIKQKCPLYEANGQAVPKEKDEMVEQEFNRLLEATSYLSHQLDFNVLNNK
PVSLGQALEVVIQLQEKHVKDEQIEHWKKIVKTQEELKELLNKMVNLKEKIKELHQQYKEASEVKPPRDITAEFLVKSKH
RDLTALCKEYDELAETQGKLEEKLQELEANPPSDVYLSSRDRQILDWHFANLEFANATPLSTLSLKHWDQDDDFEFTGSH
LTVRNGYSCVPVALAEGLDIKLNTAVRQVRYTASGCEVIAVNTRSTSQTFIYKCDAVLCTLPLGVLKQQPPAVQFVPPLP
EWKTSAVQRMGFGNLNKVVLCFDRVFWDPSVNLFGHVGSTTASRGELFLFWNLYKAPILLALVAGEAAGIMENISDDVIV
GRCLAILKGIFGSSAVPQPKETVVSRWRADPWARGSYSYVAAGSSGNDYDLMAQPITPGPSIPGAPQPIPRLFFAGEHTI
RNYPATVHGALLSGLREAGRIADQFLGAM
;
_entity_poly.pdbx_strand_id   A
#
# COMPACT_ATOMS: atom_id res chain seq x y z
N SER A 8 -14.25 23.73 6.21
CA SER A 8 -15.32 24.72 6.07
C SER A 8 -16.35 24.33 5.00
N GLY A 9 -16.96 25.33 4.37
CA GLY A 9 -18.08 25.09 3.47
C GLY A 9 -17.67 24.93 2.03
N VAL A 10 -17.44 26.06 1.34
CA VAL A 10 -16.88 25.98 -0.01
C VAL A 10 -15.45 25.47 0.05
N GLU A 11 -14.74 25.79 1.13
CA GLU A 11 -13.43 25.18 1.35
C GLU A 11 -13.53 23.65 1.32
N GLY A 12 -14.46 23.09 2.11
CA GLY A 12 -14.62 21.64 2.14
C GLY A 12 -14.91 21.02 0.78
N ALA A 13 -15.62 21.76 -0.08
CA ALA A 13 -15.97 21.23 -1.40
C ALA A 13 -14.75 21.13 -2.30
N ALA A 14 -13.89 22.15 -2.30
CA ALA A 14 -12.63 22.06 -3.01
C ALA A 14 -11.82 20.85 -2.53
N PHE A 15 -11.65 20.74 -1.22
CA PHE A 15 -10.87 19.64 -0.66
C PHE A 15 -11.45 18.29 -1.06
N GLN A 16 -12.77 18.15 -0.96
CA GLN A 16 -13.38 16.89 -1.34
C GLN A 16 -13.23 16.60 -2.83
N SER A 17 -12.95 17.63 -3.63
CA SER A 17 -12.69 17.43 -5.06
C SER A 17 -11.19 17.38 -5.39
N ARG A 18 -10.33 17.31 -4.38
CA ARG A 18 -8.86 17.22 -4.56
C ARG A 18 -8.33 18.47 -5.24
N LEU A 19 -8.89 19.62 -4.89
CA LEU A 19 -8.49 20.91 -5.43
C LEU A 19 -8.18 21.87 -4.30
N PRO A 20 -7.18 22.73 -4.48
CA PRO A 20 -6.96 23.78 -3.48
C PRO A 20 -8.05 24.81 -3.58
N HIS A 21 -8.56 25.23 -2.42
CA HIS A 21 -9.70 26.15 -2.43
C HIS A 21 -9.31 27.57 -2.83
N ASP A 22 -8.04 27.94 -2.71
CA ASP A 22 -7.63 29.33 -2.87
C ASP A 22 -6.70 29.56 -4.05
N ARG A 23 -6.50 28.58 -4.90
CA ARG A 23 -5.61 28.71 -6.04
C ARG A 23 -6.21 27.97 -7.22
N MET A 24 -6.03 28.53 -8.42
CA MET A 24 -6.33 27.81 -9.63
C MET A 24 -5.27 26.74 -9.88
N THR A 25 -5.71 25.57 -10.30
CA THR A 25 -4.80 24.51 -10.69
C THR A 25 -4.22 24.83 -12.06
N SER A 26 -3.18 24.08 -12.45
CA SER A 26 -2.61 24.30 -13.76
C SER A 26 -3.61 23.97 -14.86
N GLN A 27 -4.43 22.94 -14.63
CA GLN A 27 -5.46 22.58 -15.61
C GLN A 27 -6.48 23.69 -15.79
N GLU A 28 -6.94 24.29 -14.70
CA GLU A 28 -7.84 25.44 -14.81
C GLU A 28 -7.17 26.61 -15.52
N ALA A 29 -5.88 26.85 -15.23
CA ALA A 29 -5.16 27.91 -15.92
C ALA A 29 -5.11 27.67 -17.42
N ALA A 30 -5.03 26.40 -17.84
CA ALA A 30 -5.06 26.09 -19.26
C ALA A 30 -6.40 26.47 -19.87
N CYS A 31 -7.50 26.13 -19.21
CA CYS A 31 -8.83 26.32 -19.76
C CYS A 31 -9.40 27.72 -19.52
N PHE A 32 -8.80 28.51 -18.62
CA PHE A 32 -9.24 29.88 -18.36
C PHE A 32 -8.05 30.84 -18.36
N PRO A 33 -7.33 30.94 -19.48
CA PRO A 33 -6.15 31.84 -19.51
C PRO A 33 -6.50 33.31 -19.32
N ASP A 34 -7.64 33.76 -19.84
CA ASP A 34 -8.08 35.13 -19.58
C ASP A 34 -8.27 35.38 -18.08
N ILE A 35 -8.64 34.34 -17.33
CA ILE A 35 -8.82 34.50 -15.89
C ILE A 35 -7.47 34.60 -15.20
N ILE A 36 -6.59 33.64 -15.49
CA ILE A 36 -5.34 33.50 -14.74
C ILE A 36 -4.41 34.65 -15.06
N SER A 37 -4.54 35.25 -16.24
CA SER A 37 -3.77 36.42 -16.62
C SER A 37 -4.47 37.73 -16.31
N GLY A 38 -5.76 37.69 -15.96
CA GLY A 38 -6.48 38.90 -15.67
C GLY A 38 -6.34 39.30 -14.22
N PRO A 39 -7.13 40.28 -13.79
CA PRO A 39 -7.02 40.79 -12.41
C PRO A 39 -7.25 39.71 -11.36
N GLN A 40 -6.65 39.92 -10.19
CA GLN A 40 -6.75 38.94 -9.11
C GLN A 40 -8.18 38.80 -8.60
N GLN A 41 -8.96 39.88 -8.62
CA GLN A 41 -10.31 39.82 -8.08
C GLN A 41 -11.18 38.88 -8.89
N THR A 42 -10.97 38.84 -10.20
CA THR A 42 -11.68 37.87 -11.02
C THR A 42 -11.20 36.46 -10.74
N GLN A 43 -9.92 36.27 -10.40
CA GLN A 43 -9.47 34.95 -9.98
C GLN A 43 -10.22 34.47 -8.75
N LYS A 44 -10.47 35.37 -7.79
CA LYS A 44 -11.19 34.97 -6.59
C LYS A 44 -12.67 34.72 -6.89
N VAL A 45 -13.25 35.51 -7.79
CA VAL A 45 -14.61 35.22 -8.26
C VAL A 45 -14.67 33.85 -8.91
N PHE A 46 -13.69 33.54 -9.77
CA PHE A 46 -13.63 32.23 -10.39
C PHE A 46 -13.61 31.13 -9.34
N LEU A 47 -12.73 31.27 -8.34
CA LEU A 47 -12.60 30.23 -7.33
C LEU A 47 -13.86 30.09 -6.50
N PHE A 48 -14.53 31.20 -6.19
CA PHE A 48 -15.76 31.07 -5.42
C PHE A 48 -16.82 30.35 -6.23
N ILE A 49 -16.99 30.71 -7.50
CA ILE A 49 -17.98 30.03 -8.33
C ILE A 49 -17.66 28.55 -8.45
N ARG A 50 -16.37 28.22 -8.65
CA ARG A 50 -15.99 26.82 -8.78
C ARG A 50 -16.26 26.07 -7.49
N ASN A 51 -15.85 26.63 -6.35
CA ASN A 51 -16.05 25.93 -5.08
C ASN A 51 -17.53 25.81 -4.75
N ARG A 52 -18.30 26.87 -5.03
CA ARG A 52 -19.72 26.84 -4.72
C ARG A 52 -20.45 25.81 -5.58
N THR A 53 -20.10 25.72 -6.87
CA THR A 53 -20.70 24.72 -7.74
C THR A 53 -20.36 23.31 -7.27
N LEU A 54 -19.11 23.09 -6.83
CA LEU A 54 -18.75 21.79 -6.28
C LEU A 54 -19.57 21.47 -5.05
N GLN A 55 -19.84 22.48 -4.22
CA GLN A 55 -20.61 22.26 -3.00
C GLN A 55 -22.04 21.85 -3.34
N LEU A 56 -22.67 22.54 -4.30
CA LEU A 56 -24.03 22.19 -4.68
C LEU A 56 -24.10 20.73 -5.12
N TRP A 57 -23.12 20.31 -5.91
CA TRP A 57 -23.10 18.93 -6.38
C TRP A 57 -22.89 17.96 -5.22
N LEU A 58 -21.86 18.21 -4.40
CA LEU A 58 -21.51 17.26 -3.35
C LEU A 58 -22.59 17.19 -2.27
N ASP A 59 -23.32 18.27 -2.04
CA ASP A 59 -24.35 18.20 -1.02
C ASP A 59 -25.56 17.39 -1.47
N ASN A 60 -25.71 17.15 -2.77
CA ASN A 60 -26.78 16.28 -3.28
C ASN A 60 -26.34 15.61 -4.56
N PRO A 61 -25.46 14.59 -4.46
CA PRO A 61 -24.92 13.96 -5.67
C PRO A 61 -25.85 12.95 -6.32
N LYS A 62 -27.08 12.81 -5.86
CA LYS A 62 -28.05 11.93 -6.49
C LYS A 62 -28.83 12.60 -7.62
N ILE A 63 -28.67 13.91 -7.80
CA ILE A 63 -29.43 14.68 -8.77
C ILE A 63 -28.47 15.41 -9.69
N GLN A 64 -28.78 15.44 -10.98
CA GLN A 64 -27.97 16.21 -11.91
C GLN A 64 -27.99 17.68 -11.50
N LEU A 65 -26.81 18.30 -11.44
CA LEU A 65 -26.69 19.73 -11.19
C LEU A 65 -26.58 20.46 -12.52
N THR A 66 -27.65 21.13 -12.94
CA THR A 66 -27.66 21.80 -14.24
C THR A 66 -27.03 23.18 -14.14
N PHE A 67 -26.68 23.74 -15.30
CA PHE A 67 -26.16 25.11 -15.31
C PHE A 67 -27.20 26.07 -14.77
N GLU A 68 -28.45 25.89 -15.20
CA GLU A 68 -29.56 26.70 -14.74
C GLU A 68 -29.68 26.65 -13.21
N ALA A 69 -29.64 25.45 -12.63
CA ALA A 69 -29.86 25.34 -11.20
C ALA A 69 -28.66 25.88 -10.43
N THR A 70 -27.47 25.80 -11.00
CA THR A 70 -26.31 26.44 -10.40
C THR A 70 -26.51 27.95 -10.35
N LEU A 71 -26.99 28.51 -11.45
CA LEU A 71 -27.18 29.96 -11.53
C LEU A 71 -28.21 30.45 -10.52
N GLN A 72 -29.23 29.64 -10.23
CA GLN A 72 -30.29 30.09 -9.35
C GLN A 72 -29.91 29.96 -7.88
N GLN A 73 -28.94 29.14 -7.54
CA GLN A 73 -28.54 29.00 -6.15
C GLN A 73 -27.28 29.80 -5.80
N LEU A 74 -26.59 30.39 -6.78
CA LEU A 74 -25.53 31.34 -6.48
C LEU A 74 -26.11 32.62 -5.92
N GLU A 75 -25.46 33.15 -4.89
CA GLU A 75 -25.87 34.39 -4.25
C GLU A 75 -25.42 35.60 -5.07
N ALA A 76 -26.04 36.74 -4.80
CA ALA A 76 -25.56 37.98 -5.38
C ALA A 76 -24.11 38.21 -4.93
N PRO A 77 -23.24 38.76 -5.80
CA PRO A 77 -23.50 39.18 -7.18
C PRO A 77 -23.10 38.14 -8.24
N TYR A 78 -22.74 36.95 -7.79
CA TYR A 78 -22.20 35.94 -8.68
C TYR A 78 -23.23 35.44 -9.68
N ASN A 79 -24.52 35.48 -9.33
CA ASN A 79 -25.55 35.06 -10.27
C ASN A 79 -25.79 36.08 -11.38
N SER A 80 -25.06 37.18 -11.42
CA SER A 80 -25.12 38.13 -12.52
C SER A 80 -24.15 37.81 -13.63
N ASP A 81 -23.06 37.10 -13.35
CA ASP A 81 -22.07 36.77 -14.38
C ASP A 81 -22.42 35.40 -14.98
N THR A 82 -23.53 35.41 -15.70
CA THR A 82 -24.07 34.22 -16.33
C THR A 82 -23.04 33.51 -17.20
N VAL A 83 -22.23 34.26 -17.94
CA VAL A 83 -21.27 33.65 -18.85
C VAL A 83 -20.16 32.94 -18.09
N LEU A 84 -19.65 33.57 -17.04
CA LEU A 84 -18.58 32.93 -16.27
C LEU A 84 -19.10 31.69 -15.56
N VAL A 85 -20.28 31.76 -14.97
CA VAL A 85 -20.86 30.56 -14.36
C VAL A 85 -20.92 29.44 -15.37
N HIS A 86 -21.44 29.74 -16.56
CA HIS A 86 -21.55 28.69 -17.57
C HIS A 86 -20.18 28.13 -17.92
N ARG A 87 -19.17 28.98 -18.09
CA ARG A 87 -17.84 28.48 -18.36
C ARG A 87 -17.36 27.56 -17.25
N VAL A 88 -17.65 27.91 -16.00
CA VAL A 88 -17.13 27.10 -14.90
C VAL A 88 -17.92 25.80 -14.78
N HIS A 89 -19.24 25.89 -14.88
CA HIS A 89 -20.06 24.67 -14.81
C HIS A 89 -19.70 23.71 -15.94
N SER A 90 -19.56 24.22 -17.17
CA SER A 90 -19.21 23.35 -18.30
C SER A 90 -17.87 22.67 -18.08
N TYR A 91 -16.88 23.41 -17.59
CA TYR A 91 -15.58 22.80 -17.28
C TYR A 91 -15.72 21.69 -16.23
N LEU A 92 -16.41 21.97 -15.12
CA LEU A 92 -16.52 20.98 -14.06
C LEU A 92 -17.21 19.73 -14.54
N GLU A 93 -18.21 19.90 -15.40
CA GLU A 93 -18.96 18.76 -15.91
C GLU A 93 -18.12 17.96 -16.89
N ARG A 94 -17.46 18.65 -17.82
CA ARG A 94 -16.70 17.96 -18.86
C ARG A 94 -15.62 17.05 -18.24
N HIS A 95 -15.03 17.49 -17.13
CA HIS A 95 -13.98 16.71 -16.51
C HIS A 95 -14.46 15.84 -15.35
N GLY A 96 -15.76 15.73 -15.16
CA GLY A 96 -16.24 14.76 -14.19
C GLY A 96 -16.05 15.15 -12.75
N LEU A 97 -15.97 16.44 -12.45
CA LEU A 97 -15.95 16.87 -11.06
C LEU A 97 -17.36 17.10 -10.51
N ILE A 98 -18.33 17.35 -11.40
CA ILE A 98 -19.73 17.28 -11.02
C ILE A 98 -20.42 16.35 -12.02
N ASN A 99 -21.62 15.91 -11.66
CA ASN A 99 -22.42 15.04 -12.53
C ASN A 99 -21.62 13.83 -13.02
N PHE A 100 -21.04 13.10 -12.07
CA PHE A 100 -20.40 11.83 -12.38
C PHE A 100 -21.04 10.71 -11.54
N GLY A 101 -20.81 9.46 -11.96
CA GLY A 101 -21.40 8.34 -11.27
C GLY A 101 -22.84 8.10 -11.65
N ILE A 102 -23.71 7.86 -10.66
CA ILE A 102 -25.10 7.54 -10.93
C ILE A 102 -25.97 8.57 -10.25
N TYR A 103 -26.82 9.23 -11.04
CA TYR A 103 -27.68 10.28 -10.53
C TYR A 103 -28.88 10.41 -11.44
N LYS A 104 -29.96 10.97 -10.89
CA LYS A 104 -31.14 11.21 -11.70
C LYS A 104 -30.91 12.40 -12.65
N ARG A 105 -31.22 12.20 -13.93
CA ARG A 105 -31.13 13.30 -14.88
C ARG A 105 -32.33 14.23 -14.75
N ILE A 106 -32.06 15.53 -14.81
CA ILE A 106 -33.10 16.55 -14.92
C ILE A 106 -33.36 16.78 -16.40
N LYS A 107 -32.31 17.19 -17.13
CA LYS A 107 -32.29 17.35 -18.58
C LYS A 107 -32.03 16.01 -19.27
N PRO A 108 -33.05 15.36 -19.84
CA PRO A 108 -32.83 14.05 -20.47
C PRO A 108 -31.87 14.14 -21.66
N LEU A 109 -31.35 12.97 -22.05
CA LEU A 109 -30.31 12.90 -23.06
C LEU A 109 -30.86 13.27 -24.44
N PRO A 110 -30.01 13.83 -25.31
CA PRO A 110 -30.44 14.02 -26.71
C PRO A 110 -30.58 12.69 -27.43
N THR A 111 -31.57 12.62 -28.33
CA THR A 111 -31.73 11.42 -29.14
C THR A 111 -30.68 11.32 -30.24
N LYS A 112 -30.10 12.46 -30.66
CA LYS A 112 -29.04 12.48 -31.66
C LYS A 112 -27.69 12.30 -30.95
N LYS A 113 -27.08 11.14 -31.16
CA LYS A 113 -25.73 10.88 -30.67
C LYS A 113 -24.70 11.48 -31.63
N THR A 114 -23.54 11.78 -31.09
CA THR A 114 -22.45 12.38 -31.86
C THR A 114 -21.18 11.60 -31.58
N GLY A 115 -20.63 10.98 -32.62
CA GLY A 115 -19.43 10.16 -32.49
C GLY A 115 -19.65 8.80 -31.86
N LYS A 116 -18.94 7.79 -32.35
CA LYS A 116 -19.06 6.43 -31.84
C LYS A 116 -17.77 6.05 -31.10
N VAL A 117 -17.88 5.64 -29.84
CA VAL A 117 -16.74 5.23 -29.05
C VAL A 117 -16.91 3.77 -28.65
N ILE A 118 -15.89 2.97 -28.91
CA ILE A 118 -15.83 1.60 -28.40
C ILE A 118 -14.91 1.59 -27.18
N ILE A 119 -15.43 1.12 -26.06
CA ILE A 119 -14.67 1.00 -24.84
C ILE A 119 -14.34 -0.46 -24.62
N ILE A 120 -13.05 -0.76 -24.47
CA ILE A 120 -12.59 -2.11 -24.20
C ILE A 120 -12.55 -2.30 -22.70
N GLY A 121 -13.37 -3.22 -22.22
CA GLY A 121 -13.39 -3.56 -20.81
C GLY A 121 -14.46 -2.82 -20.03
N SER A 122 -15.10 -3.55 -19.12
CA SER A 122 -16.24 -3.06 -18.39
C SER A 122 -15.99 -3.08 -16.88
N GLY A 123 -14.76 -2.77 -16.47
CA GLY A 123 -14.47 -2.50 -15.08
C GLY A 123 -14.86 -1.07 -14.73
N VAL A 124 -14.44 -0.66 -13.54
CA VAL A 124 -14.84 0.65 -13.03
C VAL A 124 -14.35 1.78 -13.93
N SER A 125 -13.14 1.65 -14.50
CA SER A 125 -12.66 2.72 -15.38
C SER A 125 -13.44 2.77 -16.69
N GLY A 126 -13.71 1.61 -17.30
CA GLY A 126 -14.55 1.61 -18.50
C GLY A 126 -15.96 2.09 -18.23
N LEU A 127 -16.55 1.62 -17.13
CA LEU A 127 -17.93 2.00 -16.80
C LEU A 127 -18.04 3.50 -16.52
N ALA A 128 -17.08 4.05 -15.78
CA ALA A 128 -17.14 5.47 -15.43
C ALA A 128 -17.02 6.33 -16.67
N ALA A 129 -16.09 5.97 -17.55
CA ALA A 129 -15.94 6.68 -18.83
C ALA A 129 -17.19 6.54 -19.69
N ALA A 130 -17.74 5.32 -19.78
CA ALA A 130 -18.96 5.12 -20.55
C ALA A 130 -20.08 6.04 -20.07
N ARG A 131 -20.31 6.09 -18.75
CA ARG A 131 -21.41 6.92 -18.26
C ARG A 131 -21.20 8.38 -18.64
N GLN A 132 -19.96 8.87 -18.54
CA GLN A 132 -19.67 10.24 -18.94
C GLN A 132 -19.93 10.45 -20.42
N LEU A 133 -19.34 9.60 -21.26
CA LEU A 133 -19.49 9.77 -22.70
C LEU A 133 -20.96 9.71 -23.11
N GLN A 134 -21.74 8.83 -22.48
CA GLN A 134 -23.17 8.78 -22.75
C GLN A 134 -23.84 10.08 -22.31
N SER A 135 -23.53 10.53 -21.09
CA SER A 135 -24.02 11.82 -20.60
C SER A 135 -23.72 12.94 -21.59
N PHE A 136 -22.56 12.88 -22.21
CA PHE A 136 -22.13 13.89 -23.15
C PHE A 136 -22.82 13.76 -24.51
N GLY A 137 -23.71 12.77 -24.67
CA GLY A 137 -24.42 12.62 -25.92
C GLY A 137 -23.71 11.79 -26.97
N MET A 138 -22.72 10.98 -26.59
CA MET A 138 -22.04 10.12 -27.56
C MET A 138 -22.64 8.72 -27.59
N ASP A 139 -22.42 8.03 -28.71
CA ASP A 139 -22.81 6.63 -28.87
C ASP A 139 -21.66 5.76 -28.35
N VAL A 140 -21.93 5.03 -27.26
CA VAL A 140 -20.92 4.26 -26.55
C VAL A 140 -21.34 2.81 -26.50
N THR A 141 -20.42 1.91 -26.86
CA THR A 141 -20.58 0.50 -26.58
C THR A 141 -19.36 -0.03 -25.83
N LEU A 142 -19.61 -0.75 -24.74
CA LEU A 142 -18.55 -1.45 -24.04
C LEU A 142 -18.51 -2.91 -24.48
N LEU A 143 -17.30 -3.41 -24.73
CA LEU A 143 -17.06 -4.82 -25.05
C LEU A 143 -16.33 -5.44 -23.86
N GLU A 144 -16.92 -6.47 -23.27
CA GLU A 144 -16.38 -7.09 -22.07
C GLU A 144 -16.24 -8.60 -22.26
N ALA A 145 -15.04 -9.12 -22.01
CA ALA A 145 -14.77 -10.52 -22.26
C ALA A 145 -15.42 -11.43 -21.23
N ARG A 146 -15.60 -10.96 -20.00
CA ARG A 146 -16.18 -11.82 -18.97
C ARG A 146 -17.71 -11.92 -19.15
N ASP A 147 -18.35 -12.73 -18.32
CA ASP A 147 -19.81 -12.80 -18.31
C ASP A 147 -20.41 -11.95 -17.22
N ARG A 148 -19.67 -10.95 -16.75
CA ARG A 148 -20.14 -10.02 -15.74
C ARG A 148 -19.38 -8.71 -15.92
N VAL A 149 -19.89 -7.65 -15.29
CA VAL A 149 -19.18 -6.37 -15.26
C VAL A 149 -18.34 -6.33 -13.99
N GLY A 150 -17.46 -5.33 -13.88
CA GLY A 150 -16.74 -5.04 -12.65
C GLY A 150 -15.25 -5.32 -12.69
N GLY A 151 -14.81 -6.24 -13.54
CA GLY A 151 -13.41 -6.62 -13.66
C GLY A 151 -12.83 -7.07 -12.34
N ARG A 152 -11.91 -6.27 -11.81
CA ARG A 152 -11.23 -6.63 -10.57
C ARG A 152 -12.00 -6.22 -9.33
N VAL A 153 -13.20 -5.65 -9.50
CA VAL A 153 -14.21 -5.66 -8.46
C VAL A 153 -15.09 -6.88 -8.73
N ALA A 154 -15.07 -7.83 -7.81
CA ALA A 154 -15.65 -9.15 -8.07
C ALA A 154 -16.11 -9.70 -6.74
N THR A 155 -17.41 -9.86 -6.58
CA THR A 155 -18.02 -10.25 -5.32
C THR A 155 -18.68 -11.60 -5.46
N PHE A 156 -18.39 -12.49 -4.52
CA PHE A 156 -19.10 -13.73 -4.37
C PHE A 156 -20.41 -13.47 -3.62
N ARG A 157 -21.53 -13.94 -4.18
CA ARG A 157 -22.83 -13.85 -3.52
C ARG A 157 -23.56 -15.18 -3.61
N LYS A 158 -23.98 -15.71 -2.46
CA LYS A 158 -24.77 -16.94 -2.40
C LYS A 158 -25.57 -16.91 -1.11
N GLY A 159 -26.91 -17.00 -1.21
CA GLY A 159 -27.73 -16.84 -0.01
C GLY A 159 -27.41 -15.55 0.72
N ASN A 160 -27.11 -15.66 2.02
CA ASN A 160 -26.73 -14.50 2.83
C ASN A 160 -25.22 -14.26 2.84
N TYR A 161 -24.44 -15.07 2.13
CA TYR A 161 -22.99 -14.95 2.10
C TYR A 161 -22.56 -13.95 1.05
N VAL A 162 -21.76 -12.97 1.46
CA VAL A 162 -21.15 -12.00 0.57
C VAL A 162 -19.66 -11.97 0.84
N ALA A 163 -18.84 -12.00 -0.22
CA ALA A 163 -17.40 -11.88 -0.03
C ALA A 163 -16.75 -11.35 -1.30
N ASP A 164 -15.83 -10.39 -1.14
CA ASP A 164 -15.13 -9.82 -2.29
C ASP A 164 -13.85 -10.59 -2.61
N LEU A 165 -13.69 -10.98 -3.86
CA LEU A 165 -12.45 -11.62 -4.28
C LEU A 165 -11.50 -10.63 -4.94
N GLY A 166 -12.00 -9.45 -5.30
CA GLY A 166 -11.17 -8.39 -5.81
C GLY A 166 -11.03 -7.30 -4.77
N ALA A 167 -11.16 -6.05 -5.19
CA ALA A 167 -11.09 -4.96 -4.22
C ALA A 167 -12.16 -5.12 -3.14
N MET A 168 -11.79 -4.76 -1.91
CA MET A 168 -12.73 -4.75 -0.78
C MET A 168 -12.57 -3.54 0.12
N VAL A 169 -11.48 -2.78 -0.02
CA VAL A 169 -11.12 -1.70 0.90
C VAL A 169 -11.40 -0.37 0.19
N VAL A 170 -12.08 0.53 0.89
CA VAL A 170 -12.19 1.93 0.50
C VAL A 170 -11.22 2.71 1.38
N THR A 171 -10.30 3.44 0.78
CA THR A 171 -9.36 4.19 1.61
C THR A 171 -10.13 5.39 2.18
N GLY A 172 -9.43 6.34 2.78
CA GLY A 172 -10.11 7.45 3.43
C GLY A 172 -11.19 8.10 2.58
N LEU A 173 -12.22 8.70 3.19
CA LEU A 173 -13.25 9.36 2.40
C LEU A 173 -12.90 10.80 2.03
N GLY A 174 -11.99 11.46 2.76
CA GLY A 174 -11.68 12.84 2.47
C GLY A 174 -10.88 13.01 1.20
N GLY A 175 -11.52 13.49 0.14
CA GLY A 175 -10.92 13.58 -1.18
C GLY A 175 -11.29 12.45 -2.11
N ASN A 176 -11.88 11.39 -1.58
CA ASN A 176 -12.15 10.16 -2.32
C ASN A 176 -13.44 10.28 -3.14
N PRO A 177 -13.40 10.15 -4.46
CA PRO A 177 -14.65 10.16 -5.24
C PRO A 177 -15.56 9.01 -4.93
N MET A 178 -15.03 7.93 -4.33
CA MET A 178 -15.90 6.83 -3.94
C MET A 178 -16.84 7.21 -2.80
N ALA A 179 -16.53 8.29 -2.07
CA ALA A 179 -17.51 8.81 -1.11
C ALA A 179 -18.79 9.20 -1.82
N VAL A 180 -18.66 9.84 -2.97
CA VAL A 180 -19.84 10.26 -3.73
C VAL A 180 -20.56 9.04 -4.27
N VAL A 181 -19.82 8.12 -4.90
CA VAL A 181 -20.45 6.96 -5.52
C VAL A 181 -21.13 6.11 -4.46
N SER A 182 -20.50 6.02 -3.28
CA SER A 182 -21.08 5.28 -2.18
C SER A 182 -22.45 5.84 -1.79
N LYS A 183 -22.56 7.17 -1.74
CA LYS A 183 -23.86 7.78 -1.53
C LYS A 183 -24.83 7.45 -2.66
N GLN A 184 -24.36 7.55 -3.91
CA GLN A 184 -25.27 7.36 -5.04
C GLN A 184 -25.84 5.95 -5.08
N VAL A 185 -25.05 4.96 -4.67
CA VAL A 185 -25.40 3.55 -4.77
C VAL A 185 -25.96 3.00 -3.46
N ASN A 186 -25.89 3.78 -2.38
CA ASN A 186 -26.27 3.32 -1.04
C ASN A 186 -25.45 2.10 -0.63
N MET A 187 -24.15 2.23 -0.81
CA MET A 187 -23.19 1.23 -0.39
C MET A 187 -22.85 1.44 1.09
N GLU A 188 -22.97 0.38 1.86
CA GLU A 188 -22.66 0.37 3.29
C GLU A 188 -21.15 0.20 3.49
N LEU A 189 -20.49 1.19 4.08
CA LEU A 189 -19.08 1.11 4.40
C LEU A 189 -18.90 0.97 5.89
N ALA A 190 -17.97 0.12 6.32
CA ALA A 190 -17.64 0.01 7.75
C ALA A 190 -16.17 0.32 7.96
N LYS A 191 -15.87 1.19 8.93
CA LYS A 191 -14.49 1.48 9.26
C LYS A 191 -13.81 0.21 9.75
N ILE A 192 -12.53 0.08 9.41
CA ILE A 192 -11.76 -1.06 9.87
C ILE A 192 -11.27 -0.77 11.28
N LYS A 193 -11.60 -1.64 12.23
CA LYS A 193 -11.07 -1.48 13.57
C LYS A 193 -9.57 -1.77 13.57
N GLN A 194 -8.83 -1.04 14.41
CA GLN A 194 -7.36 -1.10 14.32
C GLN A 194 -6.77 -2.36 14.94
N LYS A 195 -7.39 -2.91 15.98
CA LYS A 195 -6.82 -4.06 16.68
C LYS A 195 -6.56 -5.20 15.71
N CYS A 196 -5.30 -5.57 15.55
CA CYS A 196 -4.89 -6.69 14.70
C CYS A 196 -3.96 -7.57 15.50
N PRO A 197 -4.49 -8.46 16.32
CA PRO A 197 -3.64 -9.41 17.04
C PRO A 197 -2.91 -10.33 16.07
N LEU A 198 -1.70 -10.70 16.44
CA LEU A 198 -0.88 -11.61 15.66
C LEU A 198 -0.69 -12.90 16.42
N TYR A 199 -0.73 -13.99 15.68
CA TYR A 199 -0.46 -15.31 16.23
C TYR A 199 0.74 -15.90 15.52
N GLU A 200 1.63 -16.54 16.28
CA GLU A 200 2.77 -17.24 15.72
C GLU A 200 2.31 -18.56 15.10
N ALA A 201 3.24 -19.20 14.39
CA ALA A 201 2.91 -20.44 13.68
C ALA A 201 2.43 -21.52 14.61
N ASN A 202 2.78 -21.46 15.89
CA ASN A 202 2.26 -22.39 16.88
C ASN A 202 0.94 -21.91 17.49
N GLY A 203 0.36 -20.82 16.98
CA GLY A 203 -0.90 -20.33 17.48
C GLY A 203 -0.83 -19.40 18.68
N GLN A 204 0.32 -19.29 19.34
CA GLN A 204 0.45 -18.40 20.48
C GLN A 204 0.35 -16.96 20.04
N ALA A 205 -0.48 -16.19 20.74
CA ALA A 205 -0.58 -14.77 20.47
C ALA A 205 0.73 -14.07 20.78
N VAL A 206 1.01 -13.01 20.04
CA VAL A 206 2.21 -12.20 20.23
C VAL A 206 1.91 -11.18 21.32
N PRO A 207 2.67 -11.14 22.42
CA PRO A 207 2.38 -10.16 23.48
C PRO A 207 2.39 -8.74 22.93
N LYS A 208 1.49 -7.91 23.44
CA LYS A 208 1.28 -6.59 22.88
C LYS A 208 2.58 -5.81 22.84
N GLU A 209 3.39 -5.92 23.90
CA GLU A 209 4.62 -5.16 23.96
C GLU A 209 5.56 -5.54 22.83
N LYS A 210 5.68 -6.84 22.52
CA LYS A 210 6.60 -7.22 21.46
C LYS A 210 6.05 -6.85 20.10
N ASP A 211 4.74 -6.91 19.90
CA ASP A 211 4.17 -6.45 18.63
C ASP A 211 4.54 -4.99 18.39
N GLU A 212 4.52 -4.18 19.44
CA GLU A 212 4.82 -2.76 19.31
C GLU A 212 6.31 -2.54 19.10
N MET A 213 7.16 -3.23 19.88
CA MET A 213 8.59 -3.16 19.63
C MET A 213 8.89 -3.42 18.16
N VAL A 214 8.38 -4.54 17.63
CA VAL A 214 8.74 -4.94 16.28
C VAL A 214 8.17 -3.99 15.26
N GLU A 215 6.93 -3.52 15.48
CA GLU A 215 6.36 -2.57 14.54
C GLU A 215 7.15 -1.26 14.51
N GLN A 216 7.69 -0.84 15.66
CA GLN A 216 8.54 0.34 15.69
C GLN A 216 9.81 0.13 14.88
N GLU A 217 10.42 -1.06 14.97
CA GLU A 217 11.62 -1.33 14.16
C GLU A 217 11.29 -1.28 12.68
N PHE A 218 10.16 -1.88 12.30
CA PHE A 218 9.73 -1.87 10.91
C PHE A 218 9.64 -0.44 10.39
N ASN A 219 9.02 0.45 11.17
CA ASN A 219 8.95 1.85 10.76
C ASN A 219 10.34 2.49 10.66
N ARG A 220 11.24 2.16 11.60
CA ARG A 220 12.59 2.74 11.55
C ARG A 220 13.32 2.28 10.29
N LEU A 221 13.23 0.99 9.97
CA LEU A 221 13.88 0.45 8.79
C LEU A 221 13.39 1.14 7.52
N LEU A 222 12.08 1.32 7.39
CA LEU A 222 11.52 1.97 6.21
C LEU A 222 12.03 3.39 6.09
N GLU A 223 12.03 4.12 7.19
CA GLU A 223 12.53 5.49 7.18
C GLU A 223 14.01 5.53 6.80
N ALA A 224 14.78 4.53 7.21
CA ALA A 224 16.21 4.53 6.86
C ALA A 224 16.41 4.30 5.38
N THR A 225 15.60 3.41 4.77
CA THR A 225 15.67 3.24 3.32
C THR A 225 15.31 4.53 2.59
N SER A 226 14.30 5.25 3.09
CA SER A 226 13.91 6.48 2.44
C SER A 226 14.99 7.55 2.57
N TYR A 227 15.68 7.62 3.71
CA TYR A 227 16.79 8.55 3.84
C TYR A 227 17.91 8.18 2.87
N LEU A 228 18.32 6.90 2.87
CA LEU A 228 19.36 6.45 1.96
C LEU A 228 19.03 6.82 0.53
N SER A 229 17.75 6.69 0.16
CA SER A 229 17.35 6.86 -1.22
C SER A 229 17.33 8.32 -1.65
N HIS A 230 16.84 9.20 -0.77
CA HIS A 230 16.56 10.58 -1.19
C HIS A 230 17.59 11.58 -0.73
N GLN A 231 18.25 11.34 0.40
CA GLN A 231 19.30 12.23 0.86
C GLN A 231 20.67 11.81 0.37
N LEU A 232 20.90 10.51 0.17
CA LEU A 232 22.21 10.02 -0.22
C LEU A 232 22.21 9.34 -1.58
N ASP A 233 21.09 9.28 -2.29
CA ASP A 233 21.04 8.84 -3.68
C ASP A 233 21.51 7.40 -3.88
N PHE A 234 21.23 6.53 -2.90
CA PHE A 234 21.49 5.09 -3.00
C PHE A 234 20.40 4.43 -3.85
N ASN A 235 20.40 4.74 -5.13
CA ASN A 235 19.34 4.20 -5.98
C ASN A 235 19.81 3.27 -7.07
N VAL A 236 21.10 3.24 -7.37
CA VAL A 236 21.67 2.39 -8.40
C VAL A 236 22.68 1.45 -7.76
N LEU A 237 22.61 0.18 -8.12
CA LEU A 237 23.41 -0.88 -7.51
C LEU A 237 24.09 -1.61 -8.66
N ASN A 238 25.37 -1.30 -8.87
CA ASN A 238 26.16 -1.87 -9.96
C ASN A 238 25.35 -1.89 -11.24
N ASN A 239 24.93 -0.69 -11.63
CA ASN A 239 24.12 -0.41 -12.82
C ASN A 239 22.75 -1.10 -12.79
N LYS A 240 22.31 -1.56 -11.63
CA LYS A 240 20.95 -2.07 -11.49
C LYS A 240 20.16 -1.17 -10.54
N PRO A 241 18.95 -0.78 -10.87
CA PRO A 241 18.10 -0.06 -9.91
C PRO A 241 17.90 -0.88 -8.65
N VAL A 242 18.12 -0.26 -7.49
CA VAL A 242 18.01 -0.99 -6.23
C VAL A 242 16.55 -1.09 -5.81
N SER A 243 16.15 -2.27 -5.36
CA SER A 243 14.78 -2.44 -4.86
C SER A 243 14.68 -2.07 -3.39
N LEU A 244 13.43 -1.88 -2.95
CA LEU A 244 13.15 -1.66 -1.54
C LEU A 244 13.59 -2.86 -0.72
N GLY A 245 13.29 -4.06 -1.22
CA GLY A 245 13.74 -5.27 -0.56
C GLY A 245 15.25 -5.29 -0.33
N GLN A 246 16.02 -5.06 -1.39
CA GLN A 246 17.47 -5.04 -1.27
C GLN A 246 17.90 -4.02 -0.23
N ALA A 247 17.28 -2.84 -0.24
CA ALA A 247 17.69 -1.79 0.69
C ALA A 247 17.40 -2.18 2.13
N LEU A 248 16.20 -2.73 2.38
CA LEU A 248 15.82 -3.17 3.72
C LEU A 248 16.82 -4.18 4.26
N GLU A 249 17.19 -5.17 3.45
CA GLU A 249 18.09 -6.21 3.94
C GLU A 249 19.47 -5.65 4.24
N VAL A 250 19.89 -4.61 3.53
CA VAL A 250 21.19 -3.99 3.82
C VAL A 250 21.12 -3.22 5.12
N VAL A 251 20.02 -2.51 5.36
CA VAL A 251 19.87 -1.78 6.60
C VAL A 251 19.78 -2.73 7.79
N ILE A 252 19.07 -3.84 7.64
CA ILE A 252 19.07 -4.85 8.68
C ILE A 252 20.48 -5.39 8.91
N GLN A 253 21.25 -5.58 7.84
CA GLN A 253 22.61 -6.09 7.96
C GLN A 253 23.48 -5.14 8.77
N LEU A 254 23.31 -3.83 8.56
CA LEU A 254 24.08 -2.85 9.32
C LEU A 254 23.66 -2.84 10.78
N GLN A 255 22.36 -2.99 11.07
CA GLN A 255 21.91 -3.06 12.45
C GLN A 255 22.55 -4.24 13.19
N GLU A 256 22.61 -5.41 12.54
CA GLU A 256 23.24 -6.56 13.19
C GLU A 256 24.73 -6.32 13.40
N LYS A 257 25.37 -5.73 12.40
CA LYS A 257 26.77 -5.35 12.52
C LYS A 257 26.98 -4.41 13.71
N HIS A 258 26.08 -3.45 13.89
CA HIS A 258 26.21 -2.52 15.00
C HIS A 258 25.98 -3.21 16.35
N VAL A 259 25.06 -4.16 16.41
CA VAL A 259 24.84 -4.92 17.65
C VAL A 259 26.08 -5.73 17.99
N LYS A 260 26.68 -6.37 16.99
CA LYS A 260 27.83 -7.21 17.26
C LYS A 260 29.03 -6.38 17.74
N ASP A 261 29.24 -5.20 17.14
CA ASP A 261 30.33 -4.33 17.59
C ASP A 261 30.14 -3.94 19.04
N GLU A 262 28.92 -3.56 19.43
CA GLU A 262 28.71 -3.18 20.82
C GLU A 262 28.92 -4.36 21.75
N GLN A 263 28.63 -5.57 21.28
CA GLN A 263 28.95 -6.74 22.07
C GLN A 263 30.46 -6.86 22.26
N ILE A 264 31.23 -6.67 21.18
CA ILE A 264 32.68 -6.77 21.24
C ILE A 264 33.26 -5.75 22.20
N GLU A 265 32.83 -4.48 22.10
CA GLU A 265 33.35 -3.46 23.00
C GLU A 265 33.02 -3.78 24.44
N HIS A 266 31.93 -4.52 24.66
CA HIS A 266 31.55 -4.88 26.02
C HIS A 266 32.41 -6.02 26.54
N TRP A 267 32.62 -7.04 25.72
CA TRP A 267 33.49 -8.14 26.13
C TRP A 267 34.92 -7.65 26.36
N LYS A 268 35.34 -6.59 25.66
CA LYS A 268 36.67 -6.05 25.93
C LYS A 268 36.73 -5.41 27.32
N LYS A 269 35.71 -4.61 27.69
CA LYS A 269 35.66 -4.04 29.03
C LYS A 269 35.68 -5.12 30.10
N ILE A 270 34.96 -6.22 29.86
CA ILE A 270 35.02 -7.34 30.78
C ILE A 270 36.46 -7.86 30.91
N VAL A 271 37.09 -8.19 29.78
CA VAL A 271 38.40 -8.83 29.81
C VAL A 271 39.43 -7.93 30.48
N LYS A 272 39.37 -6.62 30.21
CA LYS A 272 40.31 -5.69 30.84
C LYS A 272 40.10 -5.64 32.34
N THR A 273 38.84 -5.53 32.77
CA THR A 273 38.54 -5.56 34.19
C THR A 273 38.99 -6.88 34.82
N GLN A 274 38.77 -8.00 34.11
CA GLN A 274 39.25 -9.28 34.62
C GLN A 274 40.77 -9.32 34.73
N GLU A 275 41.48 -8.73 33.77
CA GLU A 275 42.93 -8.70 33.83
C GLU A 275 43.42 -7.92 35.03
N GLU A 276 42.86 -6.73 35.25
CA GLU A 276 43.26 -5.92 36.40
C GLU A 276 42.98 -6.63 37.71
N LEU A 277 41.77 -7.21 37.84
CA LEU A 277 41.47 -8.00 39.03
C LEU A 277 42.49 -9.14 39.22
N LYS A 278 43.01 -9.69 38.13
CA LYS A 278 43.98 -10.78 38.23
C LYS A 278 45.31 -10.29 38.79
N GLU A 279 45.86 -9.22 38.19
CA GLU A 279 47.13 -8.69 38.67
C GLU A 279 47.00 -8.17 40.10
N LEU A 280 45.85 -7.61 40.46
CA LEU A 280 45.64 -7.14 41.82
C LEU A 280 45.78 -8.27 42.83
N LEU A 281 45.09 -9.39 42.59
CA LEU A 281 45.23 -10.54 43.49
C LEU A 281 46.67 -11.00 43.58
N ASN A 282 47.35 -11.07 42.44
CA ASN A 282 48.77 -11.39 42.43
C ASN A 282 49.56 -10.47 43.35
N LYS A 283 49.30 -9.15 43.24
CA LYS A 283 50.00 -8.18 44.07
C LYS A 283 49.65 -8.38 45.54
N MET A 284 48.43 -8.83 45.84
CA MET A 284 48.04 -9.10 47.21
C MET A 284 48.69 -10.37 47.72
N VAL A 285 48.81 -11.38 46.87
CA VAL A 285 49.51 -12.61 47.25
C VAL A 285 50.93 -12.28 47.71
N ASN A 286 51.67 -11.50 46.90
CA ASN A 286 53.02 -11.13 47.28
C ASN A 286 53.06 -10.32 48.57
N LEU A 287 52.02 -9.51 48.82
CA LEU A 287 52.01 -8.68 50.02
C LEU A 287 51.62 -9.46 51.26
N LYS A 288 50.75 -10.47 51.13
CA LYS A 288 50.47 -11.34 52.28
C LYS A 288 51.70 -12.17 52.65
N GLU A 289 52.40 -12.71 51.64
CA GLU A 289 53.64 -13.43 51.90
C GLU A 289 54.67 -12.53 52.58
N LYS A 290 54.62 -11.23 52.30
CA LYS A 290 55.54 -10.29 52.95
C LYS A 290 55.16 -10.06 54.40
N ILE A 291 53.86 -10.05 54.71
CA ILE A 291 53.41 -9.87 56.07
C ILE A 291 53.59 -11.15 56.88
N LYS A 292 53.32 -12.30 56.27
CA LYS A 292 53.61 -13.57 56.92
C LYS A 292 55.08 -13.65 57.30
N GLU A 293 55.96 -13.24 56.38
CA GLU A 293 57.39 -13.27 56.65
C GLU A 293 57.77 -12.29 57.76
N LEU A 294 57.19 -11.08 57.72
CA LEU A 294 57.49 -10.09 58.75
C LEU A 294 56.85 -10.45 60.08
N HIS A 295 55.67 -11.06 60.06
CA HIS A 295 55.06 -11.47 61.32
C HIS A 295 55.86 -12.57 62.01
N GLN A 296 56.65 -13.34 61.26
CA GLN A 296 57.58 -14.26 61.89
C GLN A 296 58.66 -13.50 62.65
N GLN A 297 58.91 -12.25 62.30
CA GLN A 297 59.92 -11.45 62.99
C GLN A 297 59.36 -10.65 64.16
N TYR A 298 58.03 -10.46 64.20
CA TYR A 298 57.40 -9.97 65.43
C TYR A 298 57.31 -11.07 66.48
N LYS A 299 57.26 -12.34 66.05
CA LYS A 299 57.21 -13.46 66.99
C LYS A 299 58.57 -13.71 67.63
N GLU A 300 59.65 -13.68 66.85
CA GLU A 300 61.00 -13.87 67.39
C GLU A 300 61.39 -12.70 68.29
N ALA A 301 60.99 -11.49 67.92
CA ALA A 301 61.28 -10.33 68.75
C ALA A 301 60.48 -10.34 70.05
N SER A 302 59.20 -10.72 69.97
CA SER A 302 58.41 -10.87 71.18
C SER A 302 58.87 -12.04 72.04
N GLU A 303 59.54 -13.04 71.43
CA GLU A 303 59.89 -14.25 72.16
C GLU A 303 60.80 -13.98 73.34
N VAL A 304 61.80 -13.13 73.16
CA VAL A 304 62.85 -12.94 74.18
C VAL A 304 62.30 -12.43 75.52
N ARG A 308 64.12 -7.27 79.43
CA ARG A 308 64.34 -7.14 77.99
C ARG A 308 64.90 -5.75 77.67
N ASP A 309 66.11 -5.69 77.11
CA ASP A 309 66.86 -4.45 77.01
C ASP A 309 66.24 -3.52 75.96
N ILE A 310 66.82 -2.32 75.83
CA ILE A 310 66.19 -1.26 75.04
C ILE A 310 66.37 -1.50 73.55
N THR A 311 67.45 -2.15 73.13
CA THR A 311 67.62 -2.44 71.72
C THR A 311 66.63 -3.49 71.23
N ALA A 312 66.27 -4.45 72.09
CA ALA A 312 65.26 -5.43 71.73
C ALA A 312 63.85 -4.84 71.78
N GLU A 313 63.55 -4.05 72.82
CA GLU A 313 62.23 -3.42 72.92
C GLU A 313 61.98 -2.49 71.75
N PHE A 314 62.96 -1.64 71.42
CA PHE A 314 62.87 -0.82 70.22
C PHE A 314 62.56 -1.67 68.99
N LEU A 315 63.13 -2.88 68.92
CA LEU A 315 62.92 -3.74 67.77
C LEU A 315 61.46 -4.15 67.63
N VAL A 316 60.79 -4.43 68.75
CA VAL A 316 59.37 -4.77 68.73
C VAL A 316 58.55 -3.58 68.23
N LYS A 317 58.85 -2.38 68.73
CA LYS A 317 58.10 -1.19 68.32
C LYS A 317 58.30 -0.89 66.84
N SER A 318 59.47 -1.23 66.28
CA SER A 318 59.73 -0.97 64.86
C SER A 318 59.06 -2.02 63.99
N LYS A 319 59.13 -3.29 64.39
CA LYS A 319 58.41 -4.34 63.65
C LYS A 319 56.91 -4.09 63.71
N HIS A 320 56.38 -3.78 64.90
CA HIS A 320 54.96 -3.54 65.05
C HIS A 320 54.51 -2.34 64.21
N ARG A 321 55.36 -1.32 64.07
CA ARG A 321 55.00 -0.16 63.27
C ARG A 321 55.00 -0.50 61.78
N ASP A 322 56.05 -1.18 61.30
CA ASP A 322 56.09 -1.58 59.90
C ASP A 322 55.01 -2.60 59.58
N LEU A 323 54.67 -3.46 60.54
CA LEU A 323 53.71 -4.53 60.26
C LEU A 323 52.28 -3.99 60.18
N THR A 324 51.94 -2.97 60.97
CA THR A 324 50.66 -2.31 60.79
C THR A 324 50.62 -1.53 59.48
N ALA A 325 51.76 -0.92 59.10
CA ALA A 325 51.82 -0.21 57.82
C ALA A 325 51.58 -1.16 56.65
N LEU A 326 52.07 -2.40 56.74
CA LEU A 326 51.84 -3.36 55.66
C LEU A 326 50.39 -3.84 55.64
N CYS A 327 49.70 -3.82 56.79
CA CYS A 327 48.27 -4.06 56.76
C CYS A 327 47.52 -2.84 56.24
N LYS A 328 48.10 -1.65 56.41
CA LYS A 328 47.55 -0.45 55.79
C LYS A 328 47.66 -0.51 54.26
N GLU A 329 48.74 -1.10 53.74
CA GLU A 329 48.83 -1.34 52.30
C GLU A 329 47.83 -2.39 51.87
N TYR A 330 47.72 -3.49 52.64
CA TYR A 330 46.87 -4.59 52.22
C TYR A 330 45.39 -4.20 52.19
N ASP A 331 44.94 -3.47 53.22
CA ASP A 331 43.53 -3.08 53.21
C ASP A 331 43.24 -2.03 52.15
N GLU A 332 44.25 -1.26 51.71
CA GLU A 332 44.05 -0.39 50.55
C GLU A 332 43.72 -1.20 49.31
N LEU A 333 44.48 -2.26 49.08
CA LEU A 333 44.24 -3.10 47.91
C LEU A 333 42.89 -3.81 48.00
N ALA A 334 42.42 -4.07 49.22
CA ALA A 334 41.15 -4.76 49.38
C ALA A 334 39.98 -3.92 48.85
N GLU A 335 39.98 -2.61 49.10
CA GLU A 335 38.87 -1.80 48.61
C GLU A 335 39.01 -1.49 47.13
N THR A 336 40.24 -1.46 46.61
CA THR A 336 40.39 -1.46 45.17
C THR A 336 39.88 -2.77 44.57
N GLN A 337 40.00 -3.87 45.32
CA GLN A 337 39.43 -5.13 44.86
C GLN A 337 37.92 -5.05 44.78
N GLY A 338 37.27 -4.47 45.79
CA GLY A 338 35.82 -4.33 45.74
C GLY A 338 35.37 -3.37 44.66
N LYS A 339 36.07 -2.24 44.52
CA LYS A 339 35.75 -1.30 43.45
C LYS A 339 35.84 -1.95 42.08
N LEU A 340 36.69 -2.96 41.93
CA LEU A 340 36.75 -3.72 40.68
C LEU A 340 35.64 -4.76 40.61
N GLU A 341 35.50 -5.58 41.66
CA GLU A 341 34.55 -6.68 41.62
C GLU A 341 33.14 -6.18 41.34
N GLU A 342 32.73 -5.09 42.01
CA GLU A 342 31.42 -4.53 41.73
C GLU A 342 31.33 -3.99 40.30
N LYS A 343 32.44 -3.43 39.78
CA LYS A 343 32.44 -3.02 38.38
C LYS A 343 32.34 -4.23 37.45
N LEU A 344 33.08 -5.30 37.76
CA LEU A 344 32.92 -6.54 37.01
C LEU A 344 31.48 -7.04 37.11
N GLN A 345 30.95 -7.16 38.34
CA GLN A 345 29.59 -7.64 38.52
C GLN A 345 28.60 -6.81 37.72
N GLU A 346 28.76 -5.49 37.75
CA GLU A 346 27.85 -4.60 37.04
C GLU A 346 27.90 -4.86 35.54
N LEU A 347 29.10 -5.04 34.98
CA LEU A 347 29.24 -5.23 33.55
C LEU A 347 28.57 -6.53 33.09
N GLU A 348 28.93 -7.66 33.70
CA GLU A 348 28.35 -8.94 33.31
C GLU A 348 26.94 -9.14 33.84
N ALA A 349 26.34 -8.08 34.40
CA ALA A 349 24.92 -8.06 34.70
C ALA A 349 24.12 -7.21 33.72
N ASN A 350 24.75 -6.28 33.02
CA ASN A 350 24.08 -5.41 32.05
C ASN A 350 24.71 -5.51 30.66
N PRO A 351 24.80 -6.71 30.08
CA PRO A 351 25.31 -6.79 28.72
C PRO A 351 24.39 -6.08 27.76
N PRO A 352 24.93 -5.47 26.70
CA PRO A 352 24.06 -4.91 25.65
C PRO A 352 23.35 -6.03 24.91
N SER A 353 22.57 -5.68 23.89
CA SER A 353 21.78 -6.66 23.15
C SER A 353 22.66 -7.79 22.62
N ASP A 354 22.19 -9.02 22.79
CA ASP A 354 22.91 -10.15 22.21
C ASP A 354 22.73 -10.21 20.69
N VAL A 355 21.55 -9.87 20.19
CA VAL A 355 21.24 -9.90 18.76
C VAL A 355 20.36 -8.71 18.42
N TYR A 356 20.35 -8.36 17.13
CA TYR A 356 19.44 -7.31 16.70
C TYR A 356 18.01 -7.83 16.70
N LEU A 357 17.79 -8.98 16.08
CA LEU A 357 16.48 -9.60 16.02
C LEU A 357 16.61 -11.08 16.33
N SER A 358 15.94 -11.53 17.38
CA SER A 358 15.82 -12.96 17.59
C SER A 358 15.14 -13.62 16.38
N SER A 359 15.15 -14.95 16.36
CA SER A 359 14.48 -15.66 15.26
C SER A 359 12.99 -15.38 15.25
N ARG A 360 12.37 -15.38 16.44
CA ARG A 360 10.95 -15.05 16.52
C ARG A 360 10.70 -13.59 16.17
N ASP A 361 11.58 -12.68 16.62
CA ASP A 361 11.44 -11.28 16.26
C ASP A 361 11.47 -11.10 14.75
N ARG A 362 12.39 -11.77 14.07
CA ARG A 362 12.49 -11.62 12.61
C ARG A 362 11.24 -12.17 11.92
N GLN A 363 10.67 -13.25 12.44
CA GLN A 363 9.41 -13.72 11.89
C GLN A 363 8.32 -12.67 12.01
N ILE A 364 8.20 -12.05 13.19
CA ILE A 364 7.17 -11.03 13.34
C ILE A 364 7.47 -9.85 12.42
N LEU A 365 8.75 -9.46 12.31
CA LEU A 365 9.11 -8.39 11.38
C LEU A 365 8.71 -8.75 9.95
N ASP A 366 8.95 -10.01 9.54
CA ASP A 366 8.55 -10.47 8.23
C ASP A 366 7.03 -10.40 8.02
N TRP A 367 6.24 -10.46 9.10
CA TRP A 367 4.81 -10.26 8.94
C TRP A 367 4.52 -8.84 8.47
N HIS A 368 5.18 -7.84 9.07
CA HIS A 368 4.96 -6.47 8.60
C HIS A 368 5.45 -6.27 7.16
N PHE A 369 6.49 -7.00 6.73
CA PHE A 369 6.90 -6.95 5.33
C PHE A 369 5.86 -7.62 4.44
N ALA A 370 5.29 -8.75 4.89
CA ALA A 370 4.20 -9.37 4.15
C ALA A 370 3.06 -8.38 3.97
N ASN A 371 2.74 -7.64 5.04
CA ASN A 371 1.69 -6.64 4.97
C ASN A 371 1.99 -5.60 3.91
N LEU A 372 3.26 -5.21 3.81
CA LEU A 372 3.68 -4.25 2.79
C LEU A 372 3.64 -4.87 1.40
N GLU A 373 3.92 -6.17 1.31
CA GLU A 373 3.80 -6.86 0.02
C GLU A 373 2.34 -7.01 -0.38
N PHE A 374 1.43 -7.06 0.59
CA PHE A 374 0.01 -7.02 0.27
C PHE A 374 -0.38 -5.67 -0.31
N ALA A 375 -0.01 -4.57 0.36
CA ALA A 375 -0.39 -3.23 -0.10
C ALA A 375 0.19 -2.89 -1.46
N ASN A 376 1.30 -3.50 -1.87
CA ASN A 376 1.84 -3.25 -3.20
C ASN A 376 1.61 -4.41 -4.16
N ALA A 377 1.04 -5.51 -3.70
CA ALA A 377 0.77 -6.68 -4.55
C ALA A 377 2.04 -7.26 -5.15
N THR A 378 3.17 -7.17 -4.43
CA THR A 378 4.38 -7.73 -5.05
C THR A 378 5.49 -7.93 -4.02
N PRO A 379 6.44 -8.84 -4.26
CA PRO A 379 7.60 -8.94 -3.35
C PRO A 379 8.35 -7.63 -3.30
N LEU A 380 8.84 -7.29 -2.10
CA LEU A 380 9.60 -6.05 -1.91
C LEU A 380 10.85 -6.01 -2.77
N SER A 381 11.42 -7.17 -3.11
CA SER A 381 12.60 -7.15 -3.99
C SER A 381 12.27 -6.70 -5.40
N THR A 382 11.00 -6.48 -5.73
CA THR A 382 10.69 -5.97 -7.07
C THR A 382 10.35 -4.49 -7.07
N LEU A 383 10.13 -3.89 -5.89
CA LEU A 383 9.67 -2.50 -5.81
C LEU A 383 10.82 -1.51 -5.95
N SER A 384 10.56 -0.39 -6.61
CA SER A 384 11.54 0.69 -6.72
C SER A 384 11.80 1.30 -5.35
N LEU A 385 13.06 1.31 -4.91
CA LEU A 385 13.40 2.00 -3.67
C LEU A 385 12.97 3.46 -3.73
N LYS A 386 13.36 4.16 -4.80
CA LYS A 386 13.13 5.58 -4.90
C LYS A 386 11.63 5.91 -5.06
N HIS A 387 10.88 5.10 -5.81
CA HIS A 387 9.54 5.54 -6.23
C HIS A 387 8.38 4.68 -5.75
N TRP A 388 8.60 3.69 -4.87
CA TRP A 388 7.52 2.74 -4.60
C TRP A 388 6.29 3.44 -4.00
N ASP A 389 6.52 4.44 -3.16
CA ASP A 389 5.47 5.24 -2.55
C ASP A 389 5.35 6.63 -3.20
N GLN A 390 5.56 6.73 -4.52
CA GLN A 390 5.62 8.04 -5.17
C GLN A 390 4.29 8.78 -5.11
N ASP A 391 3.19 8.07 -4.80
CA ASP A 391 1.86 8.63 -4.76
C ASP A 391 1.43 9.06 -3.36
N ASP A 392 2.32 8.99 -2.35
CA ASP A 392 1.86 9.11 -0.97
C ASP A 392 1.41 10.53 -0.61
N ASP A 393 1.83 11.54 -1.37
CA ASP A 393 1.32 12.89 -1.17
C ASP A 393 -0.17 13.01 -1.50
N PHE A 394 -0.77 12.01 -2.14
CA PHE A 394 -2.15 12.12 -2.57
C PHE A 394 -3.11 11.26 -1.75
N GLU A 395 -2.60 10.52 -0.77
CA GLU A 395 -3.47 9.70 0.08
C GLU A 395 -4.62 10.53 0.66
N PHE A 396 -5.79 9.90 0.74
CA PHE A 396 -6.96 10.53 1.31
C PHE A 396 -6.88 10.52 2.83
N THR A 397 -7.57 11.48 3.46
CA THR A 397 -7.68 11.52 4.91
C THR A 397 -8.90 10.72 5.39
N GLY A 398 -8.72 10.02 6.51
CA GLY A 398 -9.77 9.26 7.18
C GLY A 398 -9.40 7.80 7.32
N SER A 399 -10.13 7.06 8.15
CA SER A 399 -9.89 5.62 8.27
C SER A 399 -10.23 4.90 6.97
N HIS A 400 -9.52 3.82 6.72
CA HIS A 400 -9.91 2.89 5.67
C HIS A 400 -11.18 2.14 6.08
N LEU A 401 -12.00 1.81 5.08
CA LEU A 401 -13.27 1.12 5.32
C LEU A 401 -13.34 -0.10 4.43
N THR A 402 -14.26 -1.01 4.76
CA THR A 402 -14.54 -2.14 3.89
C THR A 402 -16.00 -2.10 3.47
N VAL A 403 -16.31 -2.79 2.38
CA VAL A 403 -17.65 -2.74 1.81
C VAL A 403 -18.44 -3.91 2.40
N ARG A 404 -19.35 -3.59 3.33
CA ARG A 404 -20.04 -4.62 4.06
C ARG A 404 -20.97 -5.43 3.15
N ASN A 405 -21.56 -4.79 2.15
CA ASN A 405 -22.49 -5.49 1.27
C ASN A 405 -21.87 -5.87 -0.06
N GLY A 406 -20.55 -5.81 -0.18
CA GLY A 406 -19.88 -6.26 -1.40
C GLY A 406 -19.67 -5.19 -2.46
N TYR A 407 -18.41 -4.99 -2.84
CA TYR A 407 -18.05 -3.88 -3.72
C TYR A 407 -18.69 -3.97 -5.09
N SER A 408 -19.16 -5.15 -5.51
CA SER A 408 -19.79 -5.26 -6.84
C SER A 408 -21.01 -4.37 -7.00
N CYS A 409 -21.64 -3.94 -5.90
CA CYS A 409 -22.73 -2.96 -6.02
C CYS A 409 -22.34 -1.73 -6.83
N VAL A 410 -21.08 -1.31 -6.79
CA VAL A 410 -20.68 -0.11 -7.52
C VAL A 410 -20.69 -0.35 -9.03
N PRO A 411 -19.96 -1.33 -9.58
CA PRO A 411 -20.02 -1.48 -11.04
C PRO A 411 -21.38 -1.96 -11.56
N VAL A 412 -22.09 -2.83 -10.81
CA VAL A 412 -23.46 -3.18 -11.22
C VAL A 412 -24.30 -1.91 -11.40
N ALA A 413 -24.24 -1.00 -10.45
CA ALA A 413 -25.06 0.19 -10.61
C ALA A 413 -24.53 1.09 -11.72
N LEU A 414 -23.21 1.20 -11.88
CA LEU A 414 -22.67 2.04 -12.95
C LEU A 414 -23.07 1.53 -14.34
N ALA A 415 -23.38 0.25 -14.46
CA ALA A 415 -23.70 -0.36 -15.75
C ALA A 415 -25.13 -0.08 -16.21
N GLU A 416 -25.96 0.50 -15.36
CA GLU A 416 -27.35 0.76 -15.69
C GLU A 416 -27.48 1.66 -16.92
N GLY A 417 -28.26 1.20 -17.90
CA GLY A 417 -28.51 1.97 -19.09
C GLY A 417 -27.38 2.00 -20.10
N LEU A 418 -26.31 1.25 -19.87
CA LEU A 418 -25.21 1.20 -20.83
C LEU A 418 -25.38 0.03 -21.80
N ASP A 419 -24.84 0.20 -22.99
CA ASP A 419 -24.80 -0.87 -23.98
C ASP A 419 -23.54 -1.70 -23.78
N ILE A 420 -23.68 -2.85 -23.12
CA ILE A 420 -22.55 -3.70 -22.78
C ILE A 420 -22.71 -5.07 -23.45
N LYS A 421 -21.68 -5.47 -24.20
CA LYS A 421 -21.59 -6.80 -24.80
C LYS A 421 -20.70 -7.66 -23.91
N LEU A 422 -21.30 -8.61 -23.19
CA LEU A 422 -20.51 -9.52 -22.39
C LEU A 422 -20.06 -10.70 -23.25
N ASN A 423 -19.13 -11.51 -22.72
CA ASN A 423 -18.68 -12.70 -23.44
C ASN A 423 -18.06 -12.34 -24.78
N THR A 424 -17.48 -11.13 -24.86
CA THR A 424 -16.97 -10.54 -26.09
C THR A 424 -15.51 -10.14 -25.87
N ALA A 425 -14.57 -10.96 -26.35
CA ALA A 425 -13.14 -10.73 -26.13
C ALA A 425 -12.55 -9.99 -27.32
N VAL A 426 -12.08 -8.76 -27.09
CA VAL A 426 -11.37 -8.03 -28.13
C VAL A 426 -10.07 -8.77 -28.45
N ARG A 427 -9.83 -8.97 -29.75
CA ARG A 427 -8.61 -9.60 -30.23
C ARG A 427 -7.74 -8.70 -31.09
N GLN A 428 -8.31 -7.69 -31.74
CA GLN A 428 -7.50 -6.79 -32.56
C GLN A 428 -8.10 -5.39 -32.59
N VAL A 429 -7.24 -4.38 -32.62
CA VAL A 429 -7.61 -2.98 -32.55
C VAL A 429 -6.88 -2.26 -33.68
N ARG A 430 -7.61 -1.87 -34.71
CA ARG A 430 -7.04 -1.17 -35.85
C ARG A 430 -7.46 0.29 -35.78
N TYR A 431 -6.49 1.19 -35.90
CA TYR A 431 -6.73 2.62 -35.80
C TYR A 431 -5.96 3.32 -36.90
N THR A 432 -6.66 4.12 -37.70
CA THR A 432 -6.09 4.85 -38.81
C THR A 432 -6.48 6.31 -38.70
N ALA A 433 -5.82 7.15 -39.51
CA ALA A 433 -6.18 8.58 -39.49
C ALA A 433 -7.61 8.84 -39.95
N SER A 434 -8.45 7.81 -40.15
CA SER A 434 -9.82 7.99 -40.62
C SER A 434 -10.86 7.24 -39.81
N GLY A 435 -10.46 6.48 -38.80
CA GLY A 435 -11.42 5.75 -37.99
C GLY A 435 -10.78 4.52 -37.39
N CYS A 436 -11.62 3.73 -36.70
CA CYS A 436 -11.13 2.56 -35.99
C CYS A 436 -12.04 1.36 -36.22
N GLU A 437 -11.44 0.18 -36.12
CA GLU A 437 -12.15 -1.08 -36.13
C GLU A 437 -11.69 -1.89 -34.94
N VAL A 438 -12.62 -2.39 -34.14
CA VAL A 438 -12.32 -3.34 -33.10
C VAL A 438 -12.84 -4.69 -33.54
N ILE A 439 -12.01 -5.73 -33.41
CA ILE A 439 -12.38 -7.09 -33.78
C ILE A 439 -12.49 -7.90 -32.49
N ALA A 440 -13.64 -8.54 -32.29
CA ALA A 440 -13.84 -9.33 -31.08
C ALA A 440 -14.43 -10.67 -31.46
N VAL A 441 -14.18 -11.67 -30.62
CA VAL A 441 -14.74 -12.99 -30.78
C VAL A 441 -15.62 -13.27 -29.58
N ASN A 442 -16.67 -14.04 -29.80
CA ASN A 442 -17.54 -14.45 -28.72
C ASN A 442 -16.88 -15.56 -27.94
N THR A 443 -16.77 -15.39 -26.63
CA THR A 443 -16.11 -16.40 -25.83
C THR A 443 -16.91 -17.70 -25.73
N ARG A 444 -18.11 -17.80 -26.29
CA ARG A 444 -18.85 -19.06 -26.22
C ARG A 444 -18.83 -19.85 -27.51
N SER A 445 -18.79 -19.18 -28.66
CA SER A 445 -18.58 -19.84 -29.94
C SER A 445 -17.43 -19.09 -30.60
N THR A 446 -16.20 -19.53 -30.32
CA THR A 446 -15.01 -18.88 -30.86
C THR A 446 -15.06 -18.75 -32.38
N SER A 447 -15.92 -19.52 -33.05
CA SER A 447 -16.19 -19.30 -34.47
C SER A 447 -16.80 -17.93 -34.72
N GLN A 448 -17.61 -17.42 -33.78
CA GLN A 448 -18.36 -16.18 -33.97
C GLN A 448 -17.47 -14.95 -33.78
N THR A 449 -17.46 -14.05 -34.77
CA THR A 449 -16.57 -12.91 -34.79
C THR A 449 -17.35 -11.63 -35.11
N PHE A 450 -16.96 -10.52 -34.47
CA PHE A 450 -17.62 -9.23 -34.62
C PHE A 450 -16.61 -8.16 -35.00
N ILE A 451 -17.06 -7.15 -35.75
CA ILE A 451 -16.23 -6.05 -36.23
C ILE A 451 -16.97 -4.75 -35.94
N TYR A 452 -16.51 -4.02 -34.92
CA TYR A 452 -17.16 -2.78 -34.51
C TYR A 452 -16.37 -1.60 -35.07
N LYS A 453 -17.02 -0.80 -35.92
CA LYS A 453 -16.46 0.46 -36.36
C LYS A 453 -16.77 1.57 -35.37
N CYS A 454 -15.88 2.56 -35.32
CA CYS A 454 -16.01 3.67 -34.37
C CYS A 454 -15.00 4.73 -34.75
N ASP A 455 -15.18 5.91 -34.16
CA ASP A 455 -14.24 7.02 -34.34
C ASP A 455 -13.11 7.02 -33.32
N ALA A 456 -13.26 6.33 -32.18
CA ALA A 456 -12.21 6.30 -31.18
C ALA A 456 -12.39 5.08 -30.30
N VAL A 457 -11.28 4.57 -29.80
CA VAL A 457 -11.25 3.40 -28.93
C VAL A 457 -10.69 3.83 -27.59
N LEU A 458 -11.34 3.40 -26.51
CA LEU A 458 -10.83 3.62 -25.16
C LEU A 458 -10.43 2.26 -24.62
N CYS A 459 -9.13 2.05 -24.46
CA CYS A 459 -8.60 0.78 -23.98
C CYS A 459 -8.48 0.83 -22.46
N THR A 460 -9.25 0.01 -21.76
CA THR A 460 -9.07 -0.19 -20.33
C THR A 460 -8.54 -1.59 -20.00
N LEU A 461 -7.91 -2.27 -20.97
CA LEU A 461 -7.27 -3.54 -20.70
C LEU A 461 -6.31 -3.42 -19.52
N PRO A 462 -6.27 -4.40 -18.63
CA PRO A 462 -5.31 -4.36 -17.52
C PRO A 462 -3.88 -4.43 -18.05
N LEU A 463 -2.98 -3.81 -17.27
CA LEU A 463 -1.55 -3.85 -17.62
C LEU A 463 -1.10 -5.29 -17.82
N GLY A 464 -1.59 -6.22 -16.99
CA GLY A 464 -1.25 -7.63 -17.20
C GLY A 464 -1.63 -8.15 -18.57
N VAL A 465 -2.74 -7.66 -19.12
CA VAL A 465 -3.11 -8.09 -20.46
C VAL A 465 -2.21 -7.45 -21.49
N LEU A 466 -1.94 -6.14 -21.33
CA LEU A 466 -1.02 -5.48 -22.25
C LEU A 466 0.37 -6.12 -22.22
N LYS A 467 0.81 -6.63 -21.07
CA LYS A 467 2.12 -7.25 -21.00
C LYS A 467 2.16 -8.62 -21.66
N GLN A 468 1.01 -9.22 -21.93
CA GLN A 468 0.98 -10.64 -22.25
C GLN A 468 1.78 -10.93 -23.51
N GLN A 469 2.57 -12.00 -23.47
CA GLN A 469 3.32 -12.47 -24.63
C GLN A 469 3.12 -13.98 -24.76
N PRO A 470 2.61 -14.48 -25.91
CA PRO A 470 2.14 -13.74 -27.11
C PRO A 470 0.98 -12.79 -26.78
N PRO A 471 0.85 -11.69 -27.52
CA PRO A 471 -0.15 -10.69 -27.15
C PRO A 471 -1.56 -11.25 -27.25
N ALA A 472 -2.38 -10.92 -26.25
CA ALA A 472 -3.80 -11.25 -26.30
C ALA A 472 -4.53 -10.35 -27.28
N VAL A 473 -4.18 -9.08 -27.32
CA VAL A 473 -4.80 -8.11 -28.21
C VAL A 473 -3.74 -7.56 -29.14
N GLN A 474 -4.02 -7.60 -30.45
CA GLN A 474 -3.11 -7.07 -31.44
C GLN A 474 -3.52 -5.66 -31.84
N PHE A 475 -2.53 -4.78 -31.91
CA PHE A 475 -2.74 -3.40 -32.33
C PHE A 475 -2.20 -3.24 -33.75
N VAL A 476 -2.99 -2.59 -34.60
CA VAL A 476 -2.62 -2.38 -36.00
C VAL A 476 -2.84 -0.90 -36.32
N PRO A 477 -1.79 -0.09 -36.47
CA PRO A 477 -0.35 -0.41 -36.36
C PRO A 477 0.02 -0.83 -34.95
N PRO A 478 1.16 -1.48 -34.77
CA PRO A 478 1.61 -1.81 -33.41
C PRO A 478 1.80 -0.53 -32.61
N LEU A 479 1.70 -0.65 -31.29
CA LEU A 479 1.86 0.52 -30.44
C LEU A 479 3.28 1.07 -30.58
N PRO A 480 3.46 2.39 -30.41
CA PRO A 480 4.81 2.97 -30.47
C PRO A 480 5.73 2.38 -29.41
N GLU A 481 7.03 2.45 -29.71
CA GLU A 481 8.05 1.95 -28.78
C GLU A 481 7.96 2.64 -27.42
N TRP A 482 7.68 3.95 -27.40
CA TRP A 482 7.59 4.64 -26.12
C TRP A 482 6.44 4.13 -25.29
N LYS A 483 5.39 3.57 -25.90
CA LYS A 483 4.30 2.99 -25.12
C LYS A 483 4.60 1.56 -24.71
N THR A 484 5.10 0.74 -25.63
CA THR A 484 5.43 -0.64 -25.27
C THR A 484 6.54 -0.69 -24.21
N SER A 485 7.50 0.24 -24.26
CA SER A 485 8.56 0.23 -23.24
C SER A 485 8.01 0.50 -21.86
N ALA A 486 7.07 1.45 -21.75
CA ALA A 486 6.45 1.71 -20.45
C ALA A 486 5.69 0.49 -19.96
N VAL A 487 4.99 -0.20 -20.86
CA VAL A 487 4.28 -1.43 -20.49
C VAL A 487 5.27 -2.46 -19.96
N GLN A 488 6.42 -2.60 -20.62
CA GLN A 488 7.41 -3.57 -20.16
C GLN A 488 8.02 -3.15 -18.82
N ARG A 489 8.30 -1.86 -18.61
CA ARG A 489 8.96 -1.43 -17.38
C ARG A 489 8.04 -1.57 -16.17
N MET A 490 6.78 -1.18 -16.32
CA MET A 490 5.88 -1.08 -15.17
C MET A 490 5.65 -2.43 -14.51
N GLY A 491 5.48 -2.42 -13.19
CA GLY A 491 5.15 -3.64 -12.49
C GLY A 491 3.67 -3.99 -12.57
N PHE A 492 3.37 -5.28 -12.62
CA PHE A 492 2.00 -5.74 -12.44
C PHE A 492 1.99 -6.89 -11.45
N GLY A 493 1.40 -6.64 -10.28
CA GLY A 493 1.53 -7.55 -9.15
C GLY A 493 0.46 -8.63 -9.11
N ASN A 494 0.40 -9.28 -7.95
CA ASN A 494 -0.52 -10.38 -7.70
C ASN A 494 -0.84 -10.44 -6.22
N LEU A 495 -2.07 -10.81 -5.93
CA LEU A 495 -2.59 -10.95 -4.57
C LEU A 495 -3.83 -11.83 -4.66
N ASN A 496 -3.95 -12.80 -3.76
CA ASN A 496 -5.08 -13.71 -3.82
C ASN A 496 -5.77 -13.81 -2.46
N LYS A 497 -7.02 -14.30 -2.49
CA LYS A 497 -7.84 -14.42 -1.30
C LYS A 497 -8.48 -15.79 -1.22
N VAL A 498 -8.61 -16.31 0.00
CA VAL A 498 -9.35 -17.53 0.27
C VAL A 498 -10.58 -17.14 1.07
N VAL A 499 -11.77 -17.48 0.56
CA VAL A 499 -13.03 -17.21 1.22
C VAL A 499 -13.49 -18.49 1.92
N LEU A 500 -13.66 -18.43 3.23
CA LEU A 500 -14.15 -19.55 4.01
C LEU A 500 -15.50 -19.19 4.58
N CYS A 501 -16.55 -19.91 4.16
CA CYS A 501 -17.91 -19.67 4.65
C CYS A 501 -18.28 -20.75 5.66
N PHE A 502 -18.54 -20.34 6.89
CA PHE A 502 -18.90 -21.25 7.96
C PHE A 502 -20.38 -21.09 8.32
N ASP A 503 -20.87 -21.99 9.17
CA ASP A 503 -22.23 -21.88 9.68
C ASP A 503 -22.29 -21.30 11.08
N ARG A 504 -21.15 -20.96 11.67
CA ARG A 504 -21.08 -20.37 13.00
C ARG A 504 -19.83 -19.50 13.09
N VAL A 505 -19.89 -18.49 13.95
CA VAL A 505 -18.74 -17.63 14.23
C VAL A 505 -17.96 -18.22 15.40
N PHE A 506 -16.71 -18.61 15.15
CA PHE A 506 -15.82 -19.07 16.20
C PHE A 506 -14.69 -18.08 16.49
N TRP A 507 -14.61 -16.98 15.75
CA TRP A 507 -13.56 -15.97 15.96
C TRP A 507 -14.08 -14.83 16.83
N ASP A 508 -13.20 -13.86 17.14
CA ASP A 508 -13.62 -12.72 17.95
C ASP A 508 -14.42 -11.76 17.09
N PRO A 509 -15.73 -11.63 17.32
CA PRO A 509 -16.54 -10.81 16.41
C PRO A 509 -16.20 -9.33 16.45
N SER A 510 -15.53 -8.86 17.49
CA SER A 510 -15.20 -7.45 17.63
C SER A 510 -13.89 -7.09 16.97
N VAL A 511 -13.29 -8.04 16.25
CA VAL A 511 -11.97 -7.89 15.64
C VAL A 511 -12.16 -8.08 14.14
N ASN A 512 -11.84 -7.05 13.35
CA ASN A 512 -11.94 -7.14 11.89
C ASN A 512 -10.79 -7.88 11.24
N LEU A 513 -9.63 -7.97 11.91
CA LEU A 513 -8.38 -8.41 11.30
C LEU A 513 -7.56 -9.17 12.32
N PHE A 514 -6.89 -10.22 11.89
CA PHE A 514 -5.88 -10.84 12.74
C PHE A 514 -4.86 -11.53 11.84
N GLY A 515 -3.62 -11.58 12.34
CA GLY A 515 -2.48 -11.97 11.53
C GLY A 515 -1.99 -13.35 11.91
N HIS A 516 -1.48 -14.07 10.92
CA HIS A 516 -0.78 -15.32 11.15
C HIS A 516 0.68 -15.09 10.75
N VAL A 517 1.59 -15.24 11.71
CA VAL A 517 3.01 -15.01 11.46
C VAL A 517 3.58 -16.28 10.85
N GLY A 518 4.13 -16.18 9.64
CA GLY A 518 4.70 -17.34 8.99
C GLY A 518 6.09 -17.69 9.52
N SER A 519 6.47 -18.95 9.29
CA SER A 519 7.71 -19.45 9.89
C SER A 519 8.97 -19.07 9.12
N THR A 520 8.89 -18.75 7.82
CA THR A 520 10.08 -18.40 7.05
C THR A 520 9.86 -17.11 6.27
N THR A 521 10.98 -16.47 5.93
CA THR A 521 10.94 -15.24 5.13
C THR A 521 10.30 -15.50 3.78
N ALA A 522 10.70 -16.59 3.12
CA ALA A 522 10.25 -16.81 1.76
C ALA A 522 8.75 -17.00 1.69
N SER A 523 8.14 -17.53 2.76
CA SER A 523 6.71 -17.81 2.77
C SER A 523 5.91 -16.83 3.63
N ARG A 524 6.48 -15.66 3.92
CA ARG A 524 5.83 -14.76 4.87
C ARG A 524 4.45 -14.31 4.39
N GLY A 525 4.19 -14.34 3.09
CA GLY A 525 2.89 -13.89 2.64
C GLY A 525 1.83 -14.97 2.58
N GLU A 526 2.12 -16.19 3.02
CA GLU A 526 1.17 -17.28 2.89
C GLU A 526 0.13 -17.17 4.00
N LEU A 527 -1.11 -16.80 3.64
CA LEU A 527 -2.23 -16.83 4.57
C LEU A 527 -1.92 -16.01 5.82
N PHE A 528 -1.31 -14.84 5.62
CA PHE A 528 -0.76 -14.09 6.75
C PHE A 528 -1.80 -13.19 7.40
N LEU A 529 -2.94 -12.94 6.76
CA LEU A 529 -3.89 -11.98 7.28
C LEU A 529 -5.31 -12.48 7.03
N PHE A 530 -6.13 -12.48 8.08
CA PHE A 530 -7.52 -12.90 8.03
C PHE A 530 -8.43 -11.72 8.31
N TRP A 531 -9.50 -11.61 7.53
CA TRP A 531 -10.44 -10.50 7.58
C TRP A 531 -11.82 -11.01 7.97
N ASN A 532 -12.44 -10.34 8.96
CA ASN A 532 -13.81 -10.64 9.42
C ASN A 532 -14.66 -9.42 9.08
N LEU A 533 -15.33 -9.48 7.94
CA LEU A 533 -15.97 -8.29 7.38
C LEU A 533 -17.46 -8.40 7.14
N TYR A 534 -18.08 -9.57 7.26
CA TYR A 534 -19.37 -9.74 6.60
C TYR A 534 -20.46 -10.18 7.58
N LYS A 535 -21.70 -10.00 7.13
CA LYS A 535 -22.85 -10.34 7.98
C LYS A 535 -22.90 -11.83 8.26
N ALA A 536 -22.56 -12.66 7.28
CA ALA A 536 -22.56 -14.09 7.47
C ALA A 536 -21.21 -14.56 8.01
N PRO A 537 -21.12 -15.78 8.54
CA PRO A 537 -19.85 -16.24 9.11
C PRO A 537 -18.79 -16.53 8.05
N ILE A 538 -18.08 -15.50 7.61
CA ILE A 538 -17.13 -15.60 6.52
C ILE A 538 -15.79 -15.07 6.97
N LEU A 539 -14.73 -15.81 6.69
CA LEU A 539 -13.36 -15.33 6.86
C LEU A 539 -12.69 -15.26 5.51
N LEU A 540 -11.94 -14.18 5.28
CA LEU A 540 -11.07 -13.98 4.14
C LEU A 540 -9.62 -14.09 4.58
N ALA A 541 -8.83 -14.92 3.91
CA ALA A 541 -7.40 -14.99 4.14
C ALA A 541 -6.64 -14.51 2.90
N LEU A 542 -5.59 -13.70 3.12
CA LEU A 542 -4.78 -13.17 2.04
C LEU A 542 -3.56 -14.06 1.78
N VAL A 543 -3.19 -14.15 0.50
CA VAL A 543 -1.94 -14.77 0.09
C VAL A 543 -1.18 -13.68 -0.63
N ALA A 544 -0.06 -13.24 -0.07
CA ALA A 544 0.61 -12.06 -0.58
C ALA A 544 2.06 -12.37 -0.94
N GLY A 545 2.66 -11.47 -1.73
CA GLY A 545 4.10 -11.57 -1.99
C GLY A 545 4.44 -12.75 -2.88
N GLU A 546 5.58 -13.39 -2.58
CA GLU A 546 6.01 -14.53 -3.35
C GLU A 546 4.98 -15.66 -3.30
N ALA A 547 4.34 -15.83 -2.15
CA ALA A 547 3.34 -16.89 -1.99
C ALA A 547 2.18 -16.76 -2.98
N ALA A 548 1.82 -15.52 -3.38
CA ALA A 548 0.61 -15.32 -4.17
C ALA A 548 0.66 -16.11 -5.48
N GLY A 549 1.74 -15.96 -6.25
CA GLY A 549 1.81 -16.64 -7.53
C GLY A 549 1.92 -18.14 -7.36
N ILE A 550 2.72 -18.57 -6.39
CA ILE A 550 2.99 -19.99 -6.20
C ILE A 550 1.75 -20.75 -5.71
N MET A 551 0.98 -20.14 -4.80
CA MET A 551 -0.19 -20.84 -4.25
C MET A 551 -1.29 -21.05 -5.28
N GLU A 552 -1.28 -20.33 -6.40
CA GLU A 552 -2.26 -20.59 -7.46
C GLU A 552 -2.13 -22.00 -8.02
N ASN A 553 -0.96 -22.64 -7.89
CA ASN A 553 -0.82 -24.00 -8.38
C ASN A 553 -1.31 -25.05 -7.38
N ILE A 554 -1.83 -24.64 -6.24
CA ILE A 554 -2.34 -25.57 -5.26
C ILE A 554 -3.85 -25.59 -5.36
N SER A 555 -4.44 -26.78 -5.28
CA SER A 555 -5.87 -26.89 -5.42
C SER A 555 -6.60 -26.20 -4.28
N ASP A 556 -7.86 -25.87 -4.53
CA ASP A 556 -8.71 -25.27 -3.51
C ASP A 556 -8.68 -26.07 -2.21
N ASP A 557 -8.79 -27.39 -2.31
CA ASP A 557 -8.91 -28.23 -1.11
C ASP A 557 -7.65 -28.16 -0.25
N VAL A 558 -6.47 -28.27 -0.85
CA VAL A 558 -5.26 -28.25 -0.04
C VAL A 558 -5.04 -26.87 0.56
N ILE A 559 -5.41 -25.81 -0.15
CA ILE A 559 -5.12 -24.50 0.42
C ILE A 559 -6.12 -24.20 1.54
N VAL A 560 -7.35 -24.71 1.42
CA VAL A 560 -8.32 -24.55 2.49
C VAL A 560 -7.88 -25.36 3.71
N GLY A 561 -7.40 -26.58 3.51
CA GLY A 561 -6.82 -27.34 4.61
C GLY A 561 -5.76 -26.55 5.35
N ARG A 562 -4.88 -25.89 4.62
CA ARG A 562 -3.82 -25.14 5.28
C ARG A 562 -4.40 -23.97 6.06
N CYS A 563 -5.44 -23.33 5.53
CA CYS A 563 -6.17 -22.31 6.28
C CYS A 563 -6.69 -22.86 7.59
N LEU A 564 -7.37 -24.01 7.54
CA LEU A 564 -8.03 -24.55 8.73
C LEU A 564 -7.00 -24.97 9.77
N ALA A 565 -5.88 -25.52 9.32
CA ALA A 565 -4.79 -25.82 10.24
C ALA A 565 -4.36 -24.57 10.99
N ILE A 566 -4.23 -23.45 10.27
CA ILE A 566 -3.84 -22.20 10.91
C ILE A 566 -4.89 -21.76 11.92
N LEU A 567 -6.17 -21.82 11.53
CA LEU A 567 -7.25 -21.39 12.40
C LEU A 567 -7.40 -22.33 13.60
N LYS A 568 -7.26 -23.64 13.37
CA LYS A 568 -7.29 -24.56 14.48
C LYS A 568 -6.13 -24.32 15.44
N GLY A 569 -4.98 -23.86 14.92
CA GLY A 569 -3.88 -23.50 15.80
C GLY A 569 -4.18 -22.30 16.68
N ILE A 570 -4.98 -21.36 16.18
CA ILE A 570 -5.31 -20.16 16.96
C ILE A 570 -6.49 -20.43 17.90
N PHE A 571 -7.54 -21.08 17.40
CA PHE A 571 -8.79 -21.22 18.14
C PHE A 571 -9.04 -22.61 18.70
N GLY A 572 -8.30 -23.62 18.28
CA GLY A 572 -8.47 -24.95 18.81
C GLY A 572 -9.09 -25.88 17.77
N SER A 573 -8.69 -27.15 17.82
CA SER A 573 -9.22 -28.14 16.89
C SER A 573 -10.72 -28.23 16.97
N SER A 574 -11.27 -28.31 18.18
CA SER A 574 -12.71 -28.49 18.32
C SER A 574 -13.50 -27.26 17.88
N ALA A 575 -12.86 -26.10 17.77
CA ALA A 575 -13.58 -24.86 17.52
C ALA A 575 -13.86 -24.58 16.04
N VAL A 576 -13.09 -25.16 15.13
CA VAL A 576 -13.14 -24.77 13.72
C VAL A 576 -13.87 -25.86 12.95
N PRO A 577 -15.11 -25.63 12.52
CA PRO A 577 -15.80 -26.64 11.71
C PRO A 577 -15.28 -26.61 10.28
N GLN A 578 -15.67 -27.62 9.52
CA GLN A 578 -15.38 -27.59 8.10
C GLN A 578 -16.23 -26.50 7.43
N PRO A 579 -15.68 -25.78 6.47
CA PRO A 579 -16.46 -24.73 5.81
C PRO A 579 -17.58 -25.33 4.97
N LYS A 580 -18.71 -24.62 4.93
CA LYS A 580 -19.82 -25.02 4.06
C LYS A 580 -19.52 -24.69 2.61
N GLU A 581 -18.80 -23.59 2.35
CA GLU A 581 -18.42 -23.22 1.00
C GLU A 581 -17.11 -22.44 1.01
N THR A 582 -16.30 -22.62 -0.03
CA THR A 582 -15.03 -21.93 -0.19
C THR A 582 -14.91 -21.35 -1.58
N VAL A 583 -14.14 -20.26 -1.68
CA VAL A 583 -13.80 -19.62 -2.95
C VAL A 583 -12.34 -19.18 -2.86
N VAL A 584 -11.59 -19.41 -3.93
CA VAL A 584 -10.16 -19.14 -4.00
C VAL A 584 -9.89 -18.37 -5.28
N SER A 585 -9.40 -17.14 -5.15
CA SER A 585 -9.04 -16.37 -6.34
C SER A 585 -7.71 -16.86 -6.88
N ARG A 586 -7.56 -16.78 -8.21
CA ARG A 586 -6.29 -16.99 -8.90
C ARG A 586 -6.06 -15.88 -9.94
N TRP A 587 -5.75 -14.66 -9.47
CA TRP A 587 -5.77 -13.50 -10.37
C TRP A 587 -4.67 -13.55 -11.44
N ARG A 588 -3.52 -14.14 -11.16
CA ARG A 588 -2.47 -14.19 -12.18
C ARG A 588 -2.89 -15.10 -13.33
N ALA A 589 -3.47 -16.27 -13.02
CA ALA A 589 -3.93 -17.20 -14.05
C ALA A 589 -5.17 -16.70 -14.78
N ASP A 590 -5.86 -15.71 -14.24
CA ASP A 590 -7.09 -15.23 -14.83
C ASP A 590 -6.73 -14.54 -16.14
N PRO A 591 -7.09 -15.10 -17.29
CA PRO A 591 -6.61 -14.53 -18.57
C PRO A 591 -7.05 -13.10 -18.81
N TRP A 592 -8.10 -12.64 -18.14
CA TRP A 592 -8.63 -11.29 -18.36
C TRP A 592 -8.07 -10.29 -17.37
N ALA A 593 -7.14 -10.70 -16.51
CA ALA A 593 -6.49 -9.79 -15.59
C ALA A 593 -4.98 -10.01 -15.57
N ARG A 594 -4.54 -11.27 -15.44
CA ARG A 594 -3.12 -11.63 -15.40
C ARG A 594 -2.40 -11.00 -14.21
N GLY A 595 -3.11 -10.83 -13.09
CA GLY A 595 -2.54 -10.23 -11.91
C GLY A 595 -3.52 -9.29 -11.24
N SER A 596 -3.13 -8.63 -10.15
CA SER A 596 -4.11 -7.88 -9.36
C SER A 596 -4.04 -6.38 -9.59
N TYR A 597 -2.86 -5.77 -9.48
CA TYR A 597 -2.74 -4.34 -9.78
C TYR A 597 -1.27 -3.96 -9.94
N SER A 598 -1.08 -2.80 -10.56
CA SER A 598 0.22 -2.30 -10.92
C SER A 598 1.00 -1.91 -9.66
N TYR A 599 2.33 -1.87 -9.81
CA TYR A 599 3.22 -1.33 -8.78
C TYR A 599 4.39 -0.68 -9.49
N VAL A 600 5.08 0.20 -8.77
CA VAL A 600 6.23 0.90 -9.35
C VAL A 600 7.44 -0.01 -9.22
N ALA A 601 7.83 -0.63 -10.33
CA ALA A 601 8.93 -1.57 -10.36
C ALA A 601 10.27 -0.84 -10.32
N ALA A 602 11.26 -1.50 -9.75
CA ALA A 602 12.62 -1.01 -9.85
C ALA A 602 12.95 -0.77 -11.32
N GLY A 603 13.44 0.42 -11.63
CA GLY A 603 13.69 0.80 -13.00
C GLY A 603 12.51 1.47 -13.70
N SER A 604 11.36 1.59 -13.05
CA SER A 604 10.27 2.42 -13.53
C SER A 604 10.17 3.68 -12.66
N SER A 605 9.10 4.43 -12.86
CA SER A 605 8.83 5.63 -12.08
C SER A 605 7.40 6.03 -12.35
N GLY A 606 6.93 7.04 -11.61
CA GLY A 606 5.61 7.58 -11.87
C GLY A 606 5.43 8.09 -13.28
N ASN A 607 6.51 8.45 -13.96
CA ASN A 607 6.35 8.95 -15.32
C ASN A 607 5.81 7.88 -16.25
N ASP A 608 6.04 6.59 -15.94
CA ASP A 608 5.48 5.54 -16.78
C ASP A 608 3.96 5.51 -16.69
N TYR A 609 3.39 5.90 -15.56
CA TYR A 609 1.94 6.01 -15.46
C TYR A 609 1.42 7.12 -16.37
N ASP A 610 2.18 8.23 -16.48
CA ASP A 610 1.78 9.28 -17.42
C ASP A 610 1.88 8.80 -18.86
N LEU A 611 2.93 8.02 -19.18
CA LEU A 611 3.07 7.52 -20.55
C LEU A 611 1.96 6.52 -20.89
N MET A 612 1.52 5.72 -19.92
CA MET A 612 0.41 4.81 -20.18
C MET A 612 -0.86 5.55 -20.51
N ALA A 613 -1.04 6.77 -19.99
CA ALA A 613 -2.28 7.51 -20.20
C ALA A 613 -2.31 8.25 -21.53
N GLN A 614 -1.14 8.43 -22.15
CA GLN A 614 -1.04 9.22 -23.38
C GLN A 614 -1.77 8.55 -24.54
N PRO A 615 -2.68 9.25 -25.21
CA PRO A 615 -3.33 8.67 -26.39
C PRO A 615 -2.37 8.50 -27.55
N ILE A 616 -2.77 7.65 -28.50
CA ILE A 616 -1.97 7.32 -29.67
C ILE A 616 -2.56 8.02 -30.88
N THR A 617 -1.74 8.76 -31.62
CA THR A 617 -2.25 9.37 -32.84
C THR A 617 -1.70 8.65 -34.05
N PRO A 618 -2.55 8.24 -35.00
CA PRO A 618 -2.06 7.50 -36.17
C PRO A 618 -1.18 8.37 -37.04
N GLY A 619 -0.22 7.73 -37.70
CA GLY A 619 0.77 8.41 -38.51
C GLY A 619 0.16 9.19 -39.67
N PRO A 620 1.01 9.96 -40.36
CA PRO A 620 0.59 10.84 -41.47
C PRO A 620 -0.16 10.11 -42.57
N PRO A 628 -3.26 15.20 -38.06
CA PRO A 628 -3.86 13.96 -37.58
C PRO A 628 -4.39 14.10 -36.15
N ILE A 629 -5.34 13.28 -35.74
CA ILE A 629 -5.98 13.44 -34.43
C ILE A 629 -5.91 12.11 -33.67
N PRO A 630 -5.93 12.17 -32.34
CA PRO A 630 -5.81 10.94 -31.55
C PRO A 630 -7.03 10.05 -31.70
N ARG A 631 -6.78 8.76 -31.87
CA ARG A 631 -7.83 7.77 -32.02
C ARG A 631 -7.89 6.74 -30.90
N LEU A 632 -6.76 6.42 -30.27
CA LEU A 632 -6.67 5.33 -29.30
C LEU A 632 -6.34 5.93 -27.94
N PHE A 633 -7.18 5.68 -26.96
CA PHE A 633 -7.08 6.31 -25.64
C PHE A 633 -6.96 5.24 -24.57
N PHE A 634 -6.41 5.62 -23.42
CA PHE A 634 -6.14 4.63 -22.37
C PHE A 634 -6.65 5.10 -21.03
N ALA A 635 -7.29 4.19 -20.31
CA ALA A 635 -7.68 4.39 -18.92
C ALA A 635 -7.44 3.08 -18.20
N GLY A 636 -7.70 3.07 -16.89
CA GLY A 636 -7.33 1.94 -16.06
C GLY A 636 -6.43 2.34 -14.91
N GLU A 637 -6.40 1.53 -13.84
CA GLU A 637 -5.65 1.86 -12.64
C GLU A 637 -4.18 2.11 -12.94
N HIS A 638 -3.65 1.51 -14.00
CA HIS A 638 -2.25 1.67 -14.39
C HIS A 638 -1.99 2.91 -15.24
N THR A 639 -2.95 3.84 -15.35
CA THR A 639 -2.77 5.01 -16.19
C THR A 639 -2.87 6.32 -15.42
N ILE A 640 -2.96 6.26 -14.09
CA ILE A 640 -3.23 7.44 -13.26
C ILE A 640 -2.15 7.53 -12.18
N ARG A 641 -1.17 8.41 -12.42
CA ARG A 641 0.05 8.46 -11.63
C ARG A 641 -0.20 8.72 -10.15
N ASN A 642 -1.15 9.60 -9.82
CA ASN A 642 -1.35 10.02 -8.44
C ASN A 642 -2.27 9.10 -7.64
N TYR A 643 -2.94 8.15 -8.29
CA TYR A 643 -3.92 7.27 -7.64
C TYR A 643 -3.86 5.86 -8.21
N PRO A 644 -2.68 5.29 -8.41
CA PRO A 644 -2.60 4.00 -9.10
C PRO A 644 -3.12 2.88 -8.23
N ALA A 645 -3.46 1.76 -8.87
CA ALA A 645 -3.72 0.49 -8.22
C ALA A 645 -4.94 0.51 -7.30
N THR A 646 -5.88 1.43 -7.51
CA THR A 646 -7.06 1.48 -6.66
C THR A 646 -8.33 1.55 -7.50
N VAL A 647 -9.49 1.36 -6.84
CA VAL A 647 -10.77 1.56 -7.53
C VAL A 647 -10.99 3.03 -7.83
N HIS A 648 -10.70 3.92 -6.87
CA HIS A 648 -10.92 5.33 -7.15
C HIS A 648 -10.03 5.82 -8.28
N GLY A 649 -8.80 5.30 -8.37
CA GLY A 649 -7.94 5.67 -9.48
C GLY A 649 -8.49 5.18 -10.81
N ALA A 650 -8.92 3.92 -10.86
CA ALA A 650 -9.65 3.45 -12.03
C ALA A 650 -10.77 4.41 -12.38
N LEU A 651 -11.56 4.81 -11.39
CA LEU A 651 -12.69 5.69 -11.66
C LEU A 651 -12.23 7.04 -12.22
N LEU A 652 -11.31 7.72 -11.51
CA LEU A 652 -10.83 9.01 -11.95
C LEU A 652 -10.22 8.94 -13.35
N SER A 653 -9.52 7.84 -13.66
CA SER A 653 -8.94 7.67 -14.99
C SER A 653 -10.01 7.56 -16.07
N GLY A 654 -11.17 6.97 -15.74
CA GLY A 654 -12.27 6.94 -16.70
C GLY A 654 -12.90 8.31 -16.89
N LEU A 655 -13.07 9.07 -15.80
CA LEU A 655 -13.57 10.44 -15.93
C LEU A 655 -12.60 11.28 -16.77
N ARG A 656 -11.30 11.15 -16.51
CA ARG A 656 -10.30 11.92 -17.25
C ARG A 656 -10.37 11.61 -18.75
N GLU A 657 -10.44 10.33 -19.12
CA GLU A 657 -10.42 10.01 -20.55
C GLU A 657 -11.70 10.44 -21.23
N ALA A 658 -12.84 10.29 -20.55
CA ALA A 658 -14.10 10.76 -21.12
C ALA A 658 -14.05 12.24 -21.42
N GLY A 659 -13.42 13.02 -20.54
CA GLY A 659 -13.24 14.43 -20.82
C GLY A 659 -12.32 14.67 -22.00
N ARG A 660 -11.20 13.95 -22.06
CA ARG A 660 -10.27 14.16 -23.15
C ARG A 660 -10.90 13.79 -24.50
N ILE A 661 -11.70 12.73 -24.52
CA ILE A 661 -12.35 12.27 -25.75
C ILE A 661 -13.47 13.22 -26.17
N ALA A 662 -14.28 13.69 -25.21
CA ALA A 662 -15.33 14.64 -25.54
C ALA A 662 -14.76 15.95 -26.05
N ASP A 663 -13.65 16.41 -25.44
CA ASP A 663 -12.99 17.62 -25.92
C ASP A 663 -12.55 17.45 -27.37
N GLN A 664 -12.11 16.25 -27.73
CA GLN A 664 -11.60 16.00 -29.07
C GLN A 664 -12.73 15.96 -30.10
N PHE A 665 -13.81 15.26 -29.78
CA PHE A 665 -14.86 14.97 -30.75
C PHE A 665 -16.11 15.84 -30.61
N LEU A 666 -16.25 16.60 -29.52
CA LEU A 666 -17.39 17.48 -29.38
C LEU A 666 -17.01 18.94 -29.16
N GLY A 667 -15.81 19.22 -28.67
CA GLY A 667 -15.35 20.59 -28.56
C GLY A 667 -15.39 21.11 -27.13
N ALA A 668 -14.33 21.83 -26.76
CA ALA A 668 -14.24 22.47 -25.45
C ALA A 668 -14.98 23.81 -25.43
#